data_8VGO
#
_entry.id   8VGO
#
_cell.length_a   1.00
_cell.length_b   1.00
_cell.length_c   1.00
_cell.angle_alpha   90.00
_cell.angle_beta   90.00
_cell.angle_gamma   90.00
#
_symmetry.space_group_name_H-M   'P 1'
#
loop_
_entity.id
_entity.type
_entity.pdbx_description
1 polymer 'Rituximab.4DS Fab heavy chain'
2 polymer 'Rituximab.4DS Fab light chain'
3 polymer 'B-lymphocyte antigen CD20'
#
loop_
_entity_poly.entity_id
_entity_poly.type
_entity_poly.pdbx_seq_one_letter_code
_entity_poly.pdbx_strand_id
1 'polypeptide(L)'
;QVQLQQPGAECVKPGASVKMSCKASGYTFTSYNMHWVKQTPGRGLEWIGAIYPGNGDTSYNQKFKGKATLTADKSSSTAY
MQLSSLTSEDSAVYYCARSTYYGGDWYFNVWGAGTCVTVSAASTKGPSVFPLAPSSKSTSGGTAALGCLVKDYFCECPVT
VSWNSGALTSGVHTFPAVLQSSGLYSLSSVVTVPSSSLGTQTYICNVNHKPSNTKVDKKVEPKSCDKTHTHHHHHHP
;
A,H
2 'polypeptide(L)'
;QIVLSQSPAILSASPGEKVTMTCRASSSVSYIHWFQQKCGSSPKPWIYATSNLASGVPVRFSGSGSGTSYSLTISRVECE
DAATYYCQQWTSNPPTFGGGTKLEIKRTVAAPSVFIFPPSDEQLKSGTASVVCLLNNFYPREAKVQWKVDNALQSGNSQE
SVTCQDSKDCTYSLSSTLTLSKADYEKHKVYACEVTHQGLSSPVTKSFNRGEC
;
B,L
3 'polypeptide(L)'
;MGSTQSFFMRESKTLGAVQIMNGLFHIALGGLLMIPAGIYAPICVTVWYPLWGGIMYIISGSLLAATEKNSRKCLVKGKM
IMNSLSLFAAISGMILSIMDILNIKISHFLKMESLNFIRAHTPYINIYNCEPANPSEKNSPSTQYCYSIQSLFLGILSVM
LIFAFFQELVIAGIVENEWKRTCSRPKSNIVLLSAEEKKEQTIEIKEEVVGLTETSSQPKNEEDIEIIPIQEEEEEETET
NFPEPPQDQESSPIENDSSPGNSENLYFQGHHHHHHHH
;
G,I
#
# COMPACT_ATOMS: atom_id res chain seq x y z
N GLN A 1 -11.58 11.82 -12.89
CA GLN A 1 -10.76 12.23 -11.76
C GLN A 1 -9.32 11.79 -11.98
N VAL A 2 -8.95 10.65 -11.39
CA VAL A 2 -7.61 10.10 -11.60
C VAL A 2 -7.48 9.70 -13.06
N GLN A 3 -6.44 10.23 -13.72
CA GLN A 3 -6.32 10.05 -15.16
C GLN A 3 -4.85 10.20 -15.54
N LEU A 4 -4.41 9.36 -16.48
CA LEU A 4 -3.09 9.44 -17.09
C LEU A 4 -3.26 9.76 -18.56
N GLN A 5 -2.66 10.87 -19.01
CA GLN A 5 -2.76 11.30 -20.39
C GLN A 5 -1.44 11.05 -21.12
N GLN A 6 -1.54 10.41 -22.28
CA GLN A 6 -0.38 10.06 -23.09
C GLN A 6 -0.54 10.60 -24.50
N PRO A 7 0.56 10.99 -25.14
CA PRO A 7 0.52 11.28 -26.58
C PRO A 7 0.18 10.00 -27.35
N GLY A 8 -0.80 10.11 -28.26
CA GLY A 8 -1.40 8.93 -28.82
C GLY A 8 -0.53 8.14 -29.78
N ALA A 9 0.41 8.81 -30.46
CA ALA A 9 1.24 8.09 -31.41
C ALA A 9 2.57 8.80 -31.61
N GLU A 10 3.64 8.02 -31.73
CA GLU A 10 4.96 8.49 -32.13
C GLU A 10 5.44 7.64 -33.28
N CYS A 11 5.97 8.28 -34.32
CA CYS A 11 6.49 7.59 -35.49
C CYS A 11 7.94 8.03 -35.69
N VAL A 12 8.87 7.08 -35.62
CA VAL A 12 10.27 7.37 -35.36
C VAL A 12 11.15 6.49 -36.24
N LYS A 13 12.39 6.94 -36.42
CA LYS A 13 13.38 6.33 -37.30
C LYS A 13 14.20 5.31 -36.54
N PRO A 14 14.70 4.28 -37.22
CA PRO A 14 15.64 3.36 -36.55
C PRO A 14 16.88 4.07 -36.06
N GLY A 15 17.45 3.54 -34.98
CA GLY A 15 18.62 4.13 -34.36
C GLY A 15 18.36 5.43 -33.61
N ALA A 16 17.26 6.10 -33.92
CA ALA A 16 16.88 7.31 -33.20
C ALA A 16 16.45 6.97 -31.77
N SER A 17 15.99 7.98 -31.06
CA SER A 17 15.38 7.82 -29.75
C SER A 17 14.08 8.60 -29.68
N VAL A 18 13.18 8.15 -28.81
CA VAL A 18 11.89 8.79 -28.61
C VAL A 18 11.66 8.97 -27.12
N LYS A 19 11.14 10.14 -26.74
CA LYS A 19 10.69 10.41 -25.38
C LYS A 19 9.17 10.55 -25.40
N MET A 20 8.50 9.75 -24.58
CA MET A 20 7.05 9.80 -24.44
C MET A 20 6.68 10.16 -23.01
N SER A 21 5.65 10.98 -22.86
CA SER A 21 5.22 11.52 -21.59
C SER A 21 3.97 10.83 -21.08
N CYS A 22 3.67 11.04 -19.79
CA CYS A 22 2.46 10.51 -19.17
C CYS A 22 2.04 11.54 -18.12
N LYS A 23 1.12 12.42 -18.51
CA LYS A 23 0.63 13.48 -17.64
C LYS A 23 -0.35 12.91 -16.62
N ALA A 24 0.04 12.91 -15.35
CA ALA A 24 -0.86 12.53 -14.27
C ALA A 24 -1.77 13.69 -13.88
N SER A 25 -2.97 13.34 -13.41
CA SER A 25 -3.91 14.33 -12.92
C SER A 25 -4.86 13.68 -11.93
N GLY A 26 -5.40 14.51 -11.04
CA GLY A 26 -6.41 14.05 -10.09
C GLY A 26 -5.89 13.28 -8.91
N TYR A 27 -4.57 13.21 -8.71
CA TYR A 27 -4.01 12.54 -7.55
C TYR A 27 -2.62 13.12 -7.28
N THR A 28 -2.13 12.86 -6.07
CA THR A 28 -0.80 13.30 -5.66
C THR A 28 0.25 12.52 -6.43
N PHE A 29 0.78 13.15 -7.49
CA PHE A 29 1.68 12.47 -8.42
C PHE A 29 2.87 11.84 -7.72
N THR A 30 3.47 12.55 -6.77
CA THR A 30 4.68 12.08 -6.10
C THR A 30 4.45 10.91 -5.15
N SER A 31 3.21 10.59 -4.79
CA SER A 31 2.94 9.61 -3.76
C SER A 31 2.70 8.20 -4.32
N TYR A 32 2.88 7.99 -5.62
CA TYR A 32 2.62 6.70 -6.22
C TYR A 32 3.72 6.36 -7.22
N ASN A 33 3.92 5.05 -7.41
CA ASN A 33 4.83 4.55 -8.44
C ASN A 33 4.17 4.63 -9.80
N MET A 34 4.89 5.15 -10.78
CA MET A 34 4.46 5.14 -12.17
C MET A 34 5.20 4.05 -12.93
N HIS A 35 4.46 3.09 -13.47
CA HIS A 35 5.02 1.96 -14.18
C HIS A 35 4.80 2.14 -15.69
N TRP A 36 5.65 1.50 -16.47
CA TRP A 36 5.52 1.47 -17.92
C TRP A 36 5.44 0.02 -18.38
N VAL A 37 4.49 -0.25 -19.27
CA VAL A 37 4.24 -1.60 -19.77
C VAL A 37 4.24 -1.58 -21.29
N LYS A 38 5.02 -2.47 -21.90
CA LYS A 38 5.02 -2.68 -23.33
C LYS A 38 3.94 -3.67 -23.71
N GLN A 39 3.29 -3.45 -24.85
CA GLN A 39 2.43 -4.46 -25.46
C GLN A 39 2.77 -4.63 -26.93
N THR A 40 2.94 -5.88 -27.35
CA THR A 40 3.07 -6.26 -28.74
C THR A 40 2.27 -7.54 -28.96
N PRO A 41 1.65 -7.70 -30.14
CA PRO A 41 0.82 -8.88 -30.36
C PRO A 41 1.59 -10.19 -30.28
N GLY A 42 2.88 -10.18 -30.58
CA GLY A 42 3.69 -11.38 -30.51
C GLY A 42 4.30 -11.70 -29.15
N ARG A 43 4.21 -10.78 -28.19
CA ARG A 43 4.85 -10.98 -26.90
C ARG A 43 3.92 -10.66 -25.73
N GLY A 44 2.70 -10.19 -25.99
CA GLY A 44 1.80 -9.84 -24.92
C GLY A 44 2.22 -8.56 -24.21
N LEU A 45 2.03 -8.55 -22.89
CA LEU A 45 2.34 -7.39 -22.07
C LEU A 45 3.63 -7.63 -21.30
N GLU A 46 4.62 -6.77 -21.51
CA GLU A 46 5.89 -6.82 -20.81
C GLU A 46 6.02 -5.57 -19.95
N TRP A 47 6.22 -5.76 -18.65
CA TRP A 47 6.56 -4.66 -17.77
C TRP A 47 7.96 -4.15 -18.08
N ILE A 48 8.09 -2.83 -18.26
CA ILE A 48 9.37 -2.22 -18.60
C ILE A 48 10.11 -1.77 -17.35
N GLY A 49 9.42 -1.12 -16.44
CA GLY A 49 10.08 -0.49 -15.31
C GLY A 49 9.14 0.49 -14.64
N ALA A 50 9.64 1.09 -13.56
CA ALA A 50 8.85 2.04 -12.80
C ALA A 50 9.75 3.15 -12.29
N ILE A 51 9.13 4.29 -12.00
CA ILE A 51 9.77 5.38 -11.28
C ILE A 51 8.88 5.76 -10.10
N TYR A 52 9.49 6.02 -8.95
CA TYR A 52 8.81 6.71 -7.86
C TYR A 52 9.13 8.18 -7.95
N PRO A 53 8.21 9.04 -8.37
CA PRO A 53 8.53 10.46 -8.57
C PRO A 53 8.82 11.21 -7.28
N GLY A 54 8.49 10.65 -6.12
CA GLY A 54 8.76 11.30 -4.86
C GLY A 54 10.22 11.63 -4.66
N ASN A 55 11.06 10.60 -4.60
CA ASN A 55 12.51 10.79 -4.63
C ASN A 55 13.03 10.82 -6.06
N GLY A 56 12.75 9.77 -6.83
CA GLY A 56 13.29 9.65 -8.18
C GLY A 56 13.83 8.27 -8.46
N ASP A 57 13.68 7.36 -7.50
CA ASP A 57 14.17 6.00 -7.66
C ASP A 57 13.49 5.32 -8.84
N THR A 58 14.27 4.58 -9.61
CA THR A 58 13.78 3.78 -10.72
C THR A 58 14.15 2.32 -10.49
N SER A 59 13.31 1.42 -11.01
CA SER A 59 13.70 0.05 -11.26
C SER A 59 13.28 -0.35 -12.67
N TYR A 60 14.04 -1.26 -13.25
CA TYR A 60 13.87 -1.64 -14.65
C TYR A 60 13.84 -3.15 -14.79
N ASN A 61 13.04 -3.61 -15.74
CA ASN A 61 13.16 -4.99 -16.21
C ASN A 61 14.54 -5.19 -16.81
N GLN A 62 15.18 -6.30 -16.47
CA GLN A 62 16.54 -6.55 -16.94
C GLN A 62 16.63 -6.54 -18.46
N LYS A 63 15.61 -7.07 -19.13
CA LYS A 63 15.61 -7.06 -20.59
C LYS A 63 15.29 -5.68 -21.19
N PHE A 64 15.19 -4.65 -20.35
CA PHE A 64 14.99 -3.28 -20.82
C PHE A 64 15.99 -2.30 -20.21
N LYS A 65 16.87 -2.76 -19.32
CA LYS A 65 17.68 -1.89 -18.48
C LYS A 65 18.64 -0.99 -19.26
N GLY A 66 18.77 -1.18 -20.57
CA GLY A 66 19.47 -0.20 -21.37
C GLY A 66 18.65 0.39 -22.49
N LYS A 67 17.44 -0.12 -22.69
CA LYS A 67 16.54 0.47 -23.67
C LYS A 67 15.82 1.68 -23.10
N ALA A 68 15.15 1.50 -21.97
CA ALA A 68 14.36 2.56 -21.36
C ALA A 68 15.19 3.41 -20.42
N THR A 69 14.78 4.68 -20.27
CA THR A 69 15.33 5.56 -19.25
C THR A 69 14.14 6.37 -18.71
N LEU A 70 13.69 5.99 -17.52
CA LEU A 70 12.54 6.64 -16.90
C LEU A 70 12.95 7.90 -16.16
N THR A 71 12.14 8.95 -16.33
CA THR A 71 12.32 10.20 -15.61
C THR A 71 10.95 10.76 -15.26
N ALA A 72 10.93 11.68 -14.31
CA ALA A 72 9.69 12.32 -13.90
C ALA A 72 9.96 13.77 -13.54
N ASP A 73 8.99 14.64 -13.83
CA ASP A 73 9.02 16.03 -13.42
C ASP A 73 7.94 16.24 -12.36
N LYS A 74 8.38 16.62 -11.15
CA LYS A 74 7.44 16.89 -10.07
C LYS A 74 6.52 18.07 -10.38
N SER A 75 6.99 19.04 -11.16
CA SER A 75 6.26 20.30 -11.28
C SER A 75 5.14 20.21 -12.31
N SER A 76 5.45 19.77 -13.53
CA SER A 76 4.40 19.47 -14.49
C SER A 76 3.63 18.21 -14.16
N SER A 77 4.08 17.42 -13.19
CA SER A 77 3.43 16.17 -12.79
C SER A 77 3.37 15.20 -13.98
N THR A 78 4.52 14.98 -14.60
CA THR A 78 4.61 14.20 -15.82
C THR A 78 5.74 13.19 -15.68
N ALA A 79 5.45 11.93 -15.93
CA ALA A 79 6.48 10.92 -16.10
C ALA A 79 6.91 10.83 -17.55
N TYR A 80 8.17 10.45 -17.77
CA TYR A 80 8.70 10.27 -19.10
C TYR A 80 9.40 8.93 -19.20
N MET A 81 9.41 8.36 -20.40
CA MET A 81 10.29 7.27 -20.74
C MET A 81 11.01 7.59 -22.03
N GLN A 82 12.33 7.50 -22.01
CA GLN A 82 13.15 7.56 -23.21
C GLN A 82 13.49 6.14 -23.65
N LEU A 83 13.33 5.87 -24.94
CA LEU A 83 13.80 4.62 -25.54
C LEU A 83 14.98 4.94 -26.45
N SER A 84 16.12 4.31 -26.18
CA SER A 84 17.31 4.50 -26.99
C SER A 84 17.32 3.57 -28.20
N SER A 85 18.19 3.88 -29.15
CA SER A 85 18.70 2.91 -30.13
C SER A 85 17.59 2.13 -30.82
N LEU A 86 16.53 2.84 -31.21
CA LEU A 86 15.27 2.21 -31.55
C LEU A 86 15.43 1.22 -32.71
N THR A 87 14.66 0.13 -32.63
CA THR A 87 14.69 -0.93 -33.63
C THR A 87 13.26 -1.31 -33.97
N SER A 88 13.10 -2.13 -35.01
CA SER A 88 11.79 -2.68 -35.35
C SER A 88 11.10 -3.31 -34.15
N GLU A 89 11.87 -3.97 -33.28
CA GLU A 89 11.29 -4.68 -32.14
C GLU A 89 10.82 -3.73 -31.05
N ASP A 90 11.16 -2.45 -31.12
CA ASP A 90 10.59 -1.44 -30.23
C ASP A 90 9.23 -0.91 -30.68
N SER A 91 8.75 -1.32 -31.84
CA SER A 91 7.41 -0.95 -32.28
C SER A 91 6.36 -1.63 -31.40
N ALA A 92 5.58 -0.85 -30.68
CA ALA A 92 4.68 -1.36 -29.66
C ALA A 92 3.70 -0.26 -29.25
N VAL A 93 2.72 -0.64 -28.45
CA VAL A 93 1.96 0.30 -27.64
C VAL A 93 2.57 0.32 -26.25
N TYR A 94 2.87 1.53 -25.76
CA TYR A 94 3.45 1.71 -24.44
C TYR A 94 2.44 2.37 -23.51
N TYR A 95 2.09 1.68 -22.44
CA TYR A 95 1.19 2.23 -21.43
C TYR A 95 2.00 2.67 -20.23
N CYS A 96 1.71 3.87 -19.72
CA CYS A 96 2.00 4.15 -18.33
C CYS A 96 0.85 3.64 -17.46
N ALA A 97 1.20 3.15 -16.28
CA ALA A 97 0.20 2.67 -15.33
C ALA A 97 0.65 3.03 -13.93
N ARG A 98 -0.30 3.40 -13.08
CA ARG A 98 -0.03 3.82 -11.72
C ARG A 98 -0.41 2.67 -10.80
N SER A 99 0.57 2.19 -10.02
CA SER A 99 0.34 1.10 -9.09
C SER A 99 0.02 1.66 -7.71
N THR A 100 -1.11 1.27 -7.16
CA THR A 100 -1.44 1.47 -5.76
C THR A 100 -1.23 0.17 -5.00
N TYR A 101 -1.24 0.27 -3.67
CA TYR A 101 -1.21 -0.91 -2.81
C TYR A 101 -2.57 -1.02 -2.13
N TYR A 102 -3.25 -2.14 -2.38
CA TYR A 102 -4.69 -2.18 -2.21
C TYR A 102 -5.17 -3.62 -2.21
N GLY A 103 -6.04 -3.97 -1.26
CA GLY A 103 -6.47 -5.35 -1.12
C GLY A 103 -5.41 -6.31 -0.64
N GLY A 104 -4.22 -5.82 -0.29
CA GLY A 104 -3.14 -6.67 0.14
C GLY A 104 -2.12 -7.01 -0.93
N ASP A 105 -2.14 -6.31 -2.07
CA ASP A 105 -1.11 -6.47 -3.08
C ASP A 105 -0.99 -5.16 -3.84
N TRP A 106 0.09 -5.05 -4.63
CA TRP A 106 0.19 -3.98 -5.60
C TRP A 106 -0.85 -4.17 -6.71
N TYR A 107 -1.25 -3.06 -7.33
CA TYR A 107 -2.42 -3.08 -8.20
C TYR A 107 -2.32 -1.96 -9.22
N PHE A 108 -2.22 -2.31 -10.51
CA PHE A 108 -2.33 -1.34 -11.61
C PHE A 108 -3.76 -0.84 -11.74
N ASN A 109 -4.13 0.09 -10.87
CA ASN A 109 -5.52 0.48 -10.76
C ASN A 109 -5.93 1.59 -11.73
N VAL A 110 -4.98 2.25 -12.39
CA VAL A 110 -5.31 3.19 -13.46
C VAL A 110 -4.24 3.11 -14.54
N TRP A 111 -4.68 3.23 -15.80
CA TRP A 111 -3.84 3.04 -16.97
C TRP A 111 -3.97 4.24 -17.90
N GLY A 112 -2.88 4.58 -18.57
CA GLY A 112 -2.94 5.50 -19.68
C GLY A 112 -3.52 4.87 -20.94
N ALA A 113 -3.95 5.73 -21.86
CA ALA A 113 -4.51 5.25 -23.13
C ALA A 113 -3.48 4.49 -23.96
N GLY A 114 -2.20 4.65 -23.69
CA GLY A 114 -1.15 4.05 -24.50
C GLY A 114 -0.60 4.97 -25.56
N THR A 115 0.70 4.88 -25.82
CA THR A 115 1.34 5.53 -26.96
C THR A 115 1.74 4.46 -27.98
N CYS A 116 1.17 4.54 -29.18
CA CYS A 116 1.65 3.72 -30.28
C CYS A 116 2.98 4.26 -30.80
N VAL A 117 4.01 3.45 -30.72
CA VAL A 117 5.30 3.73 -31.34
C VAL A 117 5.51 2.72 -32.46
N THR A 118 5.86 3.20 -33.65
CA THR A 118 6.39 2.35 -34.69
C THR A 118 7.69 2.92 -35.24
N VAL A 119 8.66 2.04 -35.45
CA VAL A 119 10.01 2.40 -35.86
C VAL A 119 10.18 2.00 -37.32
N SER A 120 10.36 2.99 -38.20
CA SER A 120 10.40 2.70 -39.63
C SER A 120 11.24 3.77 -40.33
N ALA A 121 11.93 3.34 -41.38
CA ALA A 121 12.77 4.26 -42.15
C ALA A 121 11.95 5.19 -43.03
N ALA A 122 10.81 4.72 -43.55
CA ALA A 122 10.05 5.48 -44.52
C ALA A 122 9.40 6.71 -43.88
N SER A 123 9.09 7.69 -44.72
CA SER A 123 8.54 8.97 -44.29
C SER A 123 7.03 8.88 -44.05
N THR A 124 6.58 9.67 -43.08
CA THR A 124 5.19 9.68 -42.62
C THR A 124 4.32 10.46 -43.59
N LYS A 125 3.79 9.76 -44.60
CA LYS A 125 2.75 10.32 -45.46
C LYS A 125 1.46 10.50 -44.67
N GLY A 126 0.84 11.66 -44.80
CA GLY A 126 -0.48 11.89 -44.25
C GLY A 126 -1.63 11.31 -45.06
N PRO A 127 -2.72 11.01 -44.37
CA PRO A 127 -3.88 10.37 -45.00
C PRO A 127 -4.56 11.24 -46.06
N SER A 128 -5.17 10.56 -47.04
CA SER A 128 -6.11 11.17 -47.97
C SER A 128 -7.51 10.62 -47.67
N VAL A 129 -8.43 11.50 -47.30
CA VAL A 129 -9.72 11.11 -46.73
C VAL A 129 -10.81 11.33 -47.80
N PHE A 130 -11.52 10.25 -48.13
CA PHE A 130 -12.51 10.27 -49.20
C PHE A 130 -13.89 9.90 -48.67
N PRO A 131 -14.95 10.58 -49.10
CA PRO A 131 -16.30 10.24 -48.64
C PRO A 131 -16.84 8.98 -49.31
N LEU A 132 -17.28 8.03 -48.48
CA LEU A 132 -18.17 6.96 -48.91
C LEU A 132 -19.61 7.47 -48.85
N ALA A 133 -19.98 8.23 -49.88
CA ALA A 133 -21.27 8.91 -49.87
C ALA A 133 -22.42 7.92 -49.97
N PRO A 134 -23.46 8.10 -49.16
CA PRO A 134 -24.58 7.15 -49.18
C PRO A 134 -25.52 7.38 -50.35
N SER A 135 -26.17 6.31 -50.76
CA SER A 135 -27.19 6.37 -51.80
C SER A 135 -28.11 5.17 -51.65
N SER A 136 -29.06 5.03 -52.58
CA SER A 136 -29.84 3.79 -52.67
C SER A 136 -28.93 2.58 -52.87
N LYS A 137 -27.79 2.78 -53.54
CA LYS A 137 -26.74 1.76 -53.58
C LYS A 137 -26.38 1.27 -52.17
N SER A 138 -26.31 2.18 -51.21
CA SER A 138 -25.99 1.84 -49.82
C SER A 138 -27.20 1.97 -48.90
N THR A 139 -28.41 1.90 -49.44
CA THR A 139 -29.62 1.88 -48.64
C THR A 139 -30.17 0.46 -48.58
N SER A 140 -30.63 0.04 -47.40
CA SER A 140 -31.21 -1.28 -47.22
C SER A 140 -32.06 -1.26 -45.96
N GLY A 141 -33.27 -1.82 -46.06
CA GLY A 141 -34.15 -1.94 -44.91
C GLY A 141 -34.54 -0.64 -44.26
N GLY A 142 -34.39 0.49 -44.96
CA GLY A 142 -34.67 1.79 -44.42
C GLY A 142 -33.56 2.44 -43.64
N THR A 143 -32.49 1.72 -43.30
CA THR A 143 -31.24 2.36 -42.91
C THR A 143 -30.36 2.57 -44.14
N ALA A 144 -29.43 3.52 -44.00
CA ALA A 144 -28.38 3.71 -44.99
C ALA A 144 -27.02 3.79 -44.31
N ALA A 145 -26.02 3.18 -44.92
CA ALA A 145 -24.64 3.32 -44.45
C ALA A 145 -23.93 4.43 -45.19
N LEU A 146 -23.05 5.13 -44.47
CA LEU A 146 -22.14 6.11 -45.04
C LEU A 146 -20.83 6.04 -44.28
N GLY A 147 -19.77 6.55 -44.90
CA GLY A 147 -18.48 6.46 -44.24
C GLY A 147 -17.44 7.35 -44.89
N CYS A 148 -16.21 7.21 -44.37
CA CYS A 148 -15.03 7.85 -44.93
C CYS A 148 -13.95 6.82 -45.14
N LEU A 149 -13.34 6.84 -46.34
CA LEU A 149 -12.14 6.05 -46.62
C LEU A 149 -10.90 6.90 -46.36
N VAL A 150 -10.11 6.49 -45.39
CA VAL A 150 -8.92 7.24 -44.98
C VAL A 150 -7.71 6.54 -45.61
N LYS A 151 -7.41 6.93 -46.84
CA LYS A 151 -6.50 6.15 -47.68
C LYS A 151 -5.06 6.63 -47.58
N ASP A 152 -4.14 5.68 -47.79
CA ASP A 152 -2.73 5.94 -48.10
C ASP A 152 -2.02 6.81 -47.07
N TYR A 153 -2.29 6.60 -45.80
CA TYR A 153 -1.41 7.18 -44.79
C TYR A 153 -0.24 6.23 -44.52
N PHE A 154 0.78 6.72 -43.83
CA PHE A 154 1.88 5.88 -43.40
C PHE A 154 2.24 6.12 -41.94
N CYS A 155 3.04 5.19 -41.43
CA CYS A 155 3.17 4.79 -40.03
C CYS A 155 1.92 4.02 -39.61
N GLU A 156 2.12 2.82 -39.08
CA GLU A 156 1.01 1.91 -38.81
C GLU A 156 0.06 2.47 -37.75
N CYS A 157 0.56 3.29 -36.84
CA CYS A 157 -0.24 3.85 -35.76
C CYS A 157 -1.53 4.45 -36.30
N PRO A 158 -2.70 3.93 -35.90
CA PRO A 158 -3.94 4.27 -36.59
C PRO A 158 -4.25 5.76 -36.56
N VAL A 159 -4.74 6.25 -37.70
CA VAL A 159 -5.53 7.49 -37.71
C VAL A 159 -6.73 7.33 -36.80
N THR A 160 -6.91 8.28 -35.88
CA THR A 160 -8.11 8.33 -35.07
C THR A 160 -9.24 8.98 -35.86
N VAL A 161 -10.39 8.31 -35.89
CA VAL A 161 -11.55 8.80 -36.65
C VAL A 161 -12.74 8.90 -35.71
N SER A 162 -13.46 10.01 -35.78
CA SER A 162 -14.68 10.22 -35.03
C SER A 162 -15.72 10.83 -35.96
N TRP A 163 -16.98 10.78 -35.53
CA TRP A 163 -18.07 11.32 -36.32
C TRP A 163 -18.77 12.44 -35.54
N ASN A 164 -19.12 13.50 -36.27
CA ASN A 164 -19.72 14.70 -35.68
C ASN A 164 -18.98 15.15 -34.43
N SER A 165 -17.65 15.15 -34.51
CA SER A 165 -16.77 15.55 -33.40
C SER A 165 -17.01 14.71 -32.15
N GLY A 166 -17.44 13.46 -32.33
CA GLY A 166 -17.73 12.57 -31.22
C GLY A 166 -19.18 12.52 -30.80
N ALA A 167 -20.03 13.41 -31.34
CA ALA A 167 -21.45 13.39 -31.00
C ALA A 167 -22.19 12.22 -31.62
N LEU A 168 -21.60 11.52 -32.59
CA LEU A 168 -22.21 10.34 -33.18
C LEU A 168 -21.33 9.14 -32.88
N THR A 169 -21.89 8.16 -32.18
CA THR A 169 -21.13 6.99 -31.75
C THR A 169 -21.88 5.67 -31.92
N SER A 170 -23.20 5.64 -31.89
CA SER A 170 -23.93 4.42 -32.22
C SER A 170 -23.81 4.11 -33.72
N GLY A 171 -23.72 2.82 -34.02
CA GLY A 171 -23.60 2.38 -35.40
C GLY A 171 -22.28 2.68 -36.08
N VAL A 172 -21.33 3.30 -35.39
CA VAL A 172 -20.03 3.59 -35.98
C VAL A 172 -19.16 2.34 -35.91
N HIS A 173 -18.65 1.92 -37.07
CA HIS A 173 -17.64 0.88 -37.16
C HIS A 173 -16.40 1.45 -37.80
N THR A 174 -15.27 1.38 -37.10
CA THR A 174 -13.97 1.74 -37.67
C THR A 174 -13.15 0.47 -37.82
N PHE A 175 -12.74 0.19 -39.01
CA PHE A 175 -12.08 -1.08 -39.32
C PHE A 175 -10.58 -0.99 -39.04
N PRO A 176 -9.97 -2.13 -38.72
CA PRO A 176 -8.50 -2.21 -38.72
C PRO A 176 -7.92 -1.75 -40.05
N ALA A 177 -6.81 -1.02 -39.96
CA ALA A 177 -6.11 -0.58 -41.16
C ALA A 177 -5.46 -1.76 -41.88
N VAL A 178 -5.50 -1.72 -43.20
CA VAL A 178 -4.83 -2.72 -44.04
C VAL A 178 -3.57 -2.12 -44.62
N LEU A 179 -2.46 -2.84 -44.50
CA LEU A 179 -1.26 -2.54 -45.28
C LEU A 179 -1.50 -2.87 -46.74
N GLN A 180 -1.33 -1.89 -47.61
CA GLN A 180 -1.53 -2.10 -49.04
C GLN A 180 -0.23 -2.58 -49.69
N SER A 181 -0.37 -3.09 -50.93
CA SER A 181 0.79 -3.41 -51.75
C SER A 181 1.67 -2.20 -52.05
N SER A 182 1.15 -0.98 -51.91
CA SER A 182 1.95 0.22 -52.00
C SER A 182 2.80 0.48 -50.77
N GLY A 183 2.67 -0.35 -49.73
CA GLY A 183 3.34 -0.11 -48.46
C GLY A 183 2.69 0.93 -47.58
N LEU A 184 1.67 1.63 -48.07
CA LEU A 184 0.93 2.58 -47.26
C LEU A 184 -0.28 1.91 -46.63
N TYR A 185 -0.73 2.47 -45.51
CA TYR A 185 -1.89 1.95 -44.81
C TYR A 185 -3.16 2.66 -45.27
N SER A 186 -4.24 1.90 -45.35
CA SER A 186 -5.56 2.47 -45.57
C SER A 186 -6.51 2.00 -44.49
N LEU A 187 -7.45 2.87 -44.14
CA LEU A 187 -8.49 2.57 -43.18
C LEU A 187 -9.80 3.09 -43.72
N SER A 188 -10.90 2.51 -43.26
CA SER A 188 -12.21 3.12 -43.47
C SER A 188 -13.02 3.04 -42.19
N SER A 189 -13.93 4.00 -42.04
CA SER A 189 -14.88 4.05 -40.95
C SER A 189 -16.27 4.29 -41.53
N VAL A 190 -17.26 3.57 -41.00
CA VAL A 190 -18.62 3.66 -41.52
C VAL A 190 -19.58 3.84 -40.35
N VAL A 191 -20.73 4.42 -40.66
CA VAL A 191 -21.83 4.55 -39.70
C VAL A 191 -23.13 4.23 -40.43
N THR A 192 -24.04 3.54 -39.75
CA THR A 192 -25.36 3.24 -40.28
C THR A 192 -26.39 4.14 -39.60
N VAL A 193 -27.23 4.78 -40.39
CA VAL A 193 -28.14 5.82 -39.89
C VAL A 193 -29.50 5.63 -40.53
N PRO A 194 -30.55 6.21 -39.94
CA PRO A 194 -31.86 6.22 -40.61
C PRO A 194 -31.80 6.98 -41.92
N SER A 195 -32.26 6.32 -42.99
CA SER A 195 -32.15 6.92 -44.33
C SER A 195 -32.89 8.24 -44.43
N SER A 196 -33.98 8.41 -43.67
CA SER A 196 -34.66 9.71 -43.63
C SER A 196 -33.78 10.81 -43.07
N SER A 197 -32.83 10.46 -42.20
CA SER A 197 -31.95 11.46 -41.59
C SER A 197 -31.01 12.10 -42.60
N LEU A 198 -30.74 11.43 -43.72
CA LEU A 198 -29.71 11.90 -44.66
C LEU A 198 -30.04 13.27 -45.25
N GLY A 199 -31.31 13.64 -45.30
CA GLY A 199 -31.68 14.97 -45.77
C GLY A 199 -31.36 16.08 -44.80
N THR A 200 -31.97 16.04 -43.61
CA THR A 200 -31.83 17.15 -42.67
C THR A 200 -30.49 17.15 -41.95
N GLN A 201 -29.99 15.97 -41.59
CA GLN A 201 -28.71 15.89 -40.91
C GLN A 201 -27.55 15.98 -41.88
N THR A 202 -26.46 16.61 -41.44
CA THR A 202 -25.17 16.57 -42.11
C THR A 202 -24.20 15.75 -41.25
N TYR A 203 -23.57 14.76 -41.85
CA TYR A 203 -22.62 13.91 -41.15
C TYR A 203 -21.19 14.31 -41.50
N ILE A 204 -20.40 14.60 -40.47
CA ILE A 204 -18.99 14.94 -40.60
C ILE A 204 -18.18 13.79 -40.02
N CYS A 205 -17.21 13.29 -40.79
CA CYS A 205 -16.16 12.44 -40.24
C CYS A 205 -14.94 13.30 -39.97
N ASN A 206 -14.44 13.22 -38.74
CA ASN A 206 -13.22 13.91 -38.34
C ASN A 206 -12.07 12.92 -38.32
N VAL A 207 -11.07 13.16 -39.16
CA VAL A 207 -9.88 12.33 -39.23
C VAL A 207 -8.73 13.14 -38.64
N ASN A 208 -7.92 12.48 -37.82
CA ASN A 208 -6.74 13.13 -37.25
C ASN A 208 -5.57 12.16 -37.35
N HIS A 209 -4.43 12.67 -37.79
CA HIS A 209 -3.19 11.91 -37.88
C HIS A 209 -2.10 12.77 -37.22
N LYS A 210 -1.97 12.63 -35.91
CA LYS A 210 -0.90 13.31 -35.17
C LYS A 210 0.48 13.15 -35.79
N PRO A 211 0.90 11.98 -36.26
CA PRO A 211 2.26 11.86 -36.81
C PRO A 211 2.55 12.80 -37.96
N SER A 212 1.54 13.27 -38.68
CA SER A 212 1.72 14.30 -39.69
C SER A 212 0.84 15.52 -39.43
N ASN A 213 0.39 15.71 -38.19
CA ASN A 213 -0.51 16.79 -37.80
C ASN A 213 -1.73 16.91 -38.71
N THR A 214 -2.12 15.83 -39.40
CA THR A 214 -3.10 15.92 -40.46
C THR A 214 -4.49 15.76 -39.85
N LYS A 215 -5.02 16.88 -39.34
CA LYS A 215 -6.44 16.97 -39.01
C LYS A 215 -7.25 17.23 -40.28
N VAL A 216 -8.28 16.42 -40.49
CA VAL A 216 -9.15 16.55 -41.66
C VAL A 216 -10.59 16.37 -41.21
N ASP A 217 -11.50 17.03 -41.92
CA ASP A 217 -12.93 16.82 -41.81
C ASP A 217 -13.52 16.72 -43.19
N LYS A 218 -14.44 15.79 -43.39
CA LYS A 218 -15.16 15.66 -44.66
C LYS A 218 -16.66 15.57 -44.41
N LYS A 219 -17.41 16.15 -45.33
CA LYS A 219 -18.86 16.15 -45.28
C LYS A 219 -19.35 15.06 -46.22
N VAL A 220 -20.16 14.14 -45.69
CA VAL A 220 -20.58 12.95 -46.41
C VAL A 220 -22.10 12.96 -46.50
N GLU A 221 -22.62 12.94 -47.73
CA GLU A 221 -24.04 13.10 -47.95
C GLU A 221 -24.39 12.79 -49.40
N PRO A 222 -25.63 12.38 -49.68
CA PRO A 222 -26.02 12.06 -51.06
C PRO A 222 -26.26 13.28 -51.93
N LYS A 223 -26.17 14.48 -51.36
CA LYS A 223 -26.10 15.71 -52.15
C LYS A 223 -24.88 15.74 -53.06
N SER A 224 -23.89 14.89 -52.83
CA SER A 224 -22.98 14.45 -53.88
C SER A 224 -23.31 13.02 -54.27
N CYS A 225 -23.36 12.78 -55.58
CA CYS A 225 -23.42 11.42 -56.12
C CYS A 225 -22.22 10.59 -55.68
N GLN B 1 10.75 -13.02 -12.05
CA GLN B 1 10.57 -13.76 -13.29
C GLN B 1 9.74 -15.01 -13.07
N ILE B 2 8.46 -14.94 -13.39
CA ILE B 2 7.55 -16.08 -13.30
C ILE B 2 6.71 -16.12 -14.56
N VAL B 3 6.61 -17.29 -15.17
CA VAL B 3 5.77 -17.47 -16.36
C VAL B 3 4.35 -17.76 -15.92
N LEU B 4 3.41 -16.97 -16.43
CA LEU B 4 1.99 -17.20 -16.20
C LEU B 4 1.39 -17.82 -17.45
N SER B 5 0.81 -19.01 -17.31
CA SER B 5 0.27 -19.76 -18.44
C SER B 5 -1.25 -19.76 -18.34
N GLN B 6 -1.91 -19.27 -19.38
CA GLN B 6 -3.36 -19.16 -19.40
C GLN B 6 -3.94 -20.21 -20.33
N SER B 7 -5.04 -20.84 -19.90
CA SER B 7 -5.74 -21.83 -20.69
C SER B 7 -7.23 -21.61 -20.59
N PRO B 8 -7.96 -21.72 -21.70
CA PRO B 8 -7.48 -21.90 -23.08
C PRO B 8 -6.94 -20.61 -23.66
N ALA B 9 -6.22 -20.66 -24.77
CA ALA B 9 -5.81 -19.44 -25.43
C ALA B 9 -6.99 -18.74 -26.11
N ILE B 10 -7.93 -19.50 -26.64
CA ILE B 10 -9.17 -18.97 -27.17
C ILE B 10 -10.33 -19.75 -26.55
N LEU B 11 -11.35 -19.04 -26.12
CA LEU B 11 -12.51 -19.62 -25.46
C LEU B 11 -13.76 -19.11 -26.17
N SER B 12 -14.75 -19.98 -26.34
CA SER B 12 -16.04 -19.54 -26.83
C SER B 12 -17.17 -20.17 -26.04
N ALA B 13 -18.23 -19.39 -25.86
CA ALA B 13 -19.40 -19.81 -25.09
C ALA B 13 -20.64 -19.11 -25.61
N SER B 14 -21.75 -19.81 -25.57
CA SER B 14 -23.00 -19.17 -25.96
C SER B 14 -23.49 -18.26 -24.83
N PRO B 15 -24.27 -17.23 -25.17
CA PRO B 15 -24.79 -16.33 -24.13
C PRO B 15 -25.54 -17.05 -23.02
N GLY B 16 -25.14 -16.79 -21.79
CA GLY B 16 -25.69 -17.46 -20.62
C GLY B 16 -25.01 -18.75 -20.24
N GLU B 17 -24.05 -19.23 -21.02
CA GLU B 17 -23.24 -20.36 -20.62
C GLU B 17 -22.26 -19.93 -19.51
N LYS B 18 -21.74 -20.92 -18.80
CA LYS B 18 -20.76 -20.69 -17.74
C LYS B 18 -19.39 -21.02 -18.28
N VAL B 19 -18.42 -20.15 -17.99
CA VAL B 19 -17.05 -20.38 -18.41
C VAL B 19 -16.11 -20.25 -17.22
N THR B 20 -14.97 -20.92 -17.34
CA THR B 20 -13.84 -20.71 -16.45
C THR B 20 -12.58 -20.65 -17.31
N MET B 21 -11.68 -19.74 -16.95
CA MET B 21 -10.37 -19.68 -17.57
C MET B 21 -9.32 -19.68 -16.47
N THR B 22 -8.20 -20.33 -16.74
CA THR B 22 -7.24 -20.66 -15.71
C THR B 22 -5.91 -19.99 -15.99
N CYS B 23 -5.20 -19.66 -14.91
CA CYS B 23 -3.86 -19.09 -14.98
C CYS B 23 -2.97 -19.98 -14.14
N ARG B 24 -1.91 -20.52 -14.74
CA ARG B 24 -0.99 -21.41 -14.05
C ARG B 24 0.38 -20.75 -14.02
N ALA B 25 0.89 -20.57 -12.81
CA ALA B 25 2.15 -19.87 -12.59
C ALA B 25 3.28 -20.88 -12.46
N SER B 26 4.43 -20.55 -13.07
CA SER B 26 5.57 -21.45 -12.99
C SER B 26 6.14 -21.52 -11.58
N SER B 27 5.66 -20.68 -10.67
CA SER B 27 5.95 -20.79 -9.25
C SER B 27 4.77 -20.22 -8.50
N SER B 28 4.62 -20.63 -7.24
CA SER B 28 3.50 -20.16 -6.43
C SER B 28 3.60 -18.65 -6.20
N VAL B 29 2.46 -17.97 -6.32
CA VAL B 29 2.36 -16.53 -6.16
C VAL B 29 1.29 -16.18 -5.14
N SER B 30 1.49 -15.05 -4.46
CA SER B 30 0.59 -14.66 -3.37
C SER B 30 -0.82 -14.39 -3.89
N TYR B 31 -0.93 -13.67 -5.00
CA TYR B 31 -2.22 -13.40 -5.62
C TYR B 31 -2.03 -13.32 -7.12
N ILE B 32 -3.12 -13.49 -7.85
CA ILE B 32 -3.19 -13.17 -9.26
C ILE B 32 -4.19 -12.05 -9.47
N HIS B 33 -3.85 -11.13 -10.37
CA HIS B 33 -4.75 -10.07 -10.79
C HIS B 33 -5.17 -10.34 -12.22
N TRP B 34 -6.42 -10.00 -12.54
CA TRP B 34 -6.93 -10.17 -13.89
C TRP B 34 -7.25 -8.81 -14.50
N PHE B 35 -6.89 -8.65 -15.76
CA PHE B 35 -7.18 -7.45 -16.53
C PHE B 35 -8.01 -7.82 -17.75
N GLN B 36 -8.99 -6.98 -18.06
CA GLN B 36 -9.76 -7.12 -19.29
C GLN B 36 -9.27 -6.09 -20.29
N GLN B 37 -8.98 -6.53 -21.51
CA GLN B 37 -8.69 -5.62 -22.61
C GLN B 37 -9.62 -5.88 -23.77
N LYS B 38 -10.23 -4.82 -24.28
CA LYS B 38 -10.97 -4.83 -25.53
C LYS B 38 -10.13 -4.19 -26.63
N CYS B 39 -10.52 -4.45 -27.87
CA CYS B 39 -9.73 -3.98 -29.01
C CYS B 39 -9.62 -2.46 -29.02
N GLY B 40 -8.39 -1.96 -29.04
CA GLY B 40 -8.11 -0.54 -29.04
C GLY B 40 -8.20 0.14 -27.68
N SER B 41 -8.59 -0.57 -26.64
CA SER B 41 -8.53 -0.04 -25.29
C SER B 41 -7.20 -0.41 -24.63
N SER B 42 -6.83 0.38 -23.61
CA SER B 42 -5.87 -0.09 -22.63
C SER B 42 -6.45 -1.26 -21.85
N PRO B 43 -5.62 -2.02 -21.14
CA PRO B 43 -6.16 -2.97 -20.16
C PRO B 43 -6.96 -2.25 -19.08
N LYS B 44 -8.06 -2.86 -18.69
CA LYS B 44 -8.80 -2.42 -17.52
C LYS B 44 -8.54 -3.37 -16.38
N PRO B 45 -8.24 -2.89 -15.17
CA PRO B 45 -8.28 -3.76 -14.01
C PRO B 45 -9.64 -4.41 -13.85
N TRP B 46 -9.65 -5.72 -13.61
CA TRP B 46 -10.89 -6.47 -13.58
C TRP B 46 -11.07 -7.24 -12.27
N ILE B 47 -10.03 -7.96 -11.87
CA ILE B 47 -9.98 -8.58 -10.55
C ILE B 47 -8.63 -8.31 -9.93
N TYR B 48 -8.62 -7.96 -8.64
CA TYR B 48 -7.40 -7.80 -7.89
C TYR B 48 -7.42 -8.71 -6.67
N ALA B 49 -6.22 -9.01 -6.18
CA ALA B 49 -6.01 -9.85 -5.01
C ALA B 49 -6.80 -11.17 -5.10
N THR B 50 -6.66 -11.82 -6.25
CA THR B 50 -7.26 -13.11 -6.60
C THR B 50 -8.77 -13.09 -6.76
N SER B 51 -9.47 -12.31 -5.93
CA SER B 51 -10.92 -12.49 -5.83
C SER B 51 -11.73 -11.21 -5.79
N ASN B 52 -11.12 -10.04 -5.64
CA ASN B 52 -11.85 -8.80 -5.48
C ASN B 52 -12.15 -8.19 -6.85
N LEU B 53 -13.42 -7.97 -7.13
CA LEU B 53 -13.82 -7.34 -8.38
C LEU B 53 -13.45 -5.86 -8.36
N ALA B 54 -12.91 -5.37 -9.47
CA ALA B 54 -12.61 -3.96 -9.59
C ALA B 54 -13.90 -3.13 -9.67
N SER B 55 -13.76 -1.83 -9.42
CA SER B 55 -14.90 -0.92 -9.41
C SER B 55 -15.68 -1.00 -10.71
N GLY B 56 -16.95 -1.38 -10.61
CA GLY B 56 -17.82 -1.49 -11.75
C GLY B 56 -17.77 -2.82 -12.49
N VAL B 57 -16.94 -3.75 -12.05
CA VAL B 57 -16.95 -5.09 -12.64
C VAL B 57 -18.22 -5.81 -12.19
N PRO B 58 -19.01 -6.38 -13.11
CA PRO B 58 -20.24 -7.06 -12.70
C PRO B 58 -19.95 -8.23 -11.77
N VAL B 59 -20.78 -8.36 -10.74
CA VAL B 59 -20.71 -9.48 -9.80
C VAL B 59 -20.98 -10.77 -10.54
N ARG B 60 -21.33 -10.65 -11.83
CA ARG B 60 -21.32 -11.77 -12.76
C ARG B 60 -19.97 -12.49 -12.77
N PHE B 61 -18.88 -11.75 -12.57
CA PHE B 61 -17.54 -12.31 -12.54
C PHE B 61 -17.18 -12.74 -11.11
N SER B 62 -16.32 -13.75 -11.02
CA SER B 62 -15.62 -14.01 -9.78
C SER B 62 -14.25 -14.61 -10.07
N GLY B 63 -13.36 -14.52 -9.09
CA GLY B 63 -12.03 -15.05 -9.23
C GLY B 63 -11.66 -15.89 -8.03
N SER B 64 -10.86 -16.91 -8.27
CA SER B 64 -10.52 -17.87 -7.23
C SER B 64 -9.20 -18.54 -7.56
N GLY B 65 -8.64 -19.21 -6.56
CA GLY B 65 -7.43 -19.99 -6.73
C GLY B 65 -6.44 -19.77 -5.61
N SER B 66 -5.33 -20.50 -5.63
CA SER B 66 -4.25 -20.28 -4.69
C SER B 66 -2.99 -20.96 -5.21
N GLY B 67 -1.86 -20.56 -4.67
CA GLY B 67 -0.60 -21.20 -4.97
C GLY B 67 -0.13 -21.01 -6.40
N THR B 68 -0.22 -22.07 -7.21
CA THR B 68 0.17 -21.99 -8.61
C THR B 68 -1.02 -21.99 -9.57
N SER B 69 -2.23 -22.23 -9.08
CA SER B 69 -3.38 -22.44 -9.94
C SER B 69 -4.48 -21.47 -9.57
N TYR B 70 -4.88 -20.63 -10.53
CA TYR B 70 -5.87 -19.59 -10.34
C TYR B 70 -6.89 -19.71 -11.46
N SER B 71 -8.09 -19.20 -11.22
CA SER B 71 -9.06 -19.15 -12.31
C SER B 71 -9.95 -17.92 -12.16
N LEU B 72 -10.43 -17.44 -13.30
CA LEU B 72 -11.54 -16.50 -13.39
C LEU B 72 -12.72 -17.21 -14.03
N THR B 73 -13.90 -17.05 -13.43
CA THR B 73 -15.10 -17.73 -13.92
C THR B 73 -16.25 -16.73 -14.02
N ILE B 74 -17.06 -16.90 -15.06
CA ILE B 74 -18.22 -16.05 -15.31
C ILE B 74 -19.46 -16.94 -15.24
N SER B 75 -20.33 -16.67 -14.27
CA SER B 75 -21.55 -17.44 -14.09
C SER B 75 -22.30 -17.58 -15.40
N ARG B 76 -22.72 -16.46 -15.98
CA ARG B 76 -23.47 -16.43 -17.23
C ARG B 76 -22.86 -15.36 -18.12
N VAL B 77 -22.31 -15.77 -19.26
CA VAL B 77 -21.60 -14.82 -20.11
C VAL B 77 -22.58 -13.91 -20.84
N GLU B 78 -22.11 -12.71 -21.18
CA GLU B 78 -22.87 -11.75 -21.96
C GLU B 78 -21.99 -11.17 -23.06
N CYS B 79 -22.63 -10.49 -24.02
CA CYS B 79 -21.88 -9.95 -25.15
C CYS B 79 -20.87 -8.89 -24.73
N GLU B 80 -21.11 -8.19 -23.64
CA GLU B 80 -20.12 -7.25 -23.13
C GLU B 80 -18.88 -7.94 -22.56
N ASP B 81 -18.94 -9.25 -22.31
CA ASP B 81 -17.81 -9.98 -21.77
C ASP B 81 -16.79 -10.38 -22.82
N ALA B 82 -17.11 -10.28 -24.11
CA ALA B 82 -16.19 -10.63 -25.18
C ALA B 82 -14.94 -9.76 -25.18
N ALA B 83 -13.81 -10.33 -24.77
CA ALA B 83 -12.58 -9.56 -24.54
C ALA B 83 -11.44 -10.56 -24.37
N THR B 84 -10.23 -10.02 -24.23
CA THR B 84 -9.08 -10.80 -23.80
C THR B 84 -8.78 -10.51 -22.33
N TYR B 85 -8.62 -11.57 -21.55
CA TYR B 85 -8.35 -11.46 -20.12
C TYR B 85 -6.94 -11.91 -19.83
N TYR B 86 -6.15 -11.03 -19.19
CA TYR B 86 -4.78 -11.32 -18.80
C TYR B 86 -4.70 -11.48 -17.29
N CYS B 87 -4.11 -12.58 -16.84
CA CYS B 87 -3.67 -12.66 -15.46
C CYS B 87 -2.31 -11.99 -15.28
N GLN B 88 -2.05 -11.56 -14.05
CA GLN B 88 -0.85 -10.78 -13.75
C GLN B 88 -0.43 -11.06 -12.31
N GLN B 89 0.87 -11.10 -12.08
CA GLN B 89 1.42 -11.40 -10.76
C GLN B 89 2.43 -10.34 -10.34
N TRP B 90 2.44 -10.04 -9.05
CA TRP B 90 3.38 -9.12 -8.42
C TRP B 90 4.39 -9.81 -7.53
N THR B 91 4.30 -11.14 -7.38
CA THR B 91 5.08 -11.84 -6.37
C THR B 91 6.58 -11.83 -6.66
N SER B 92 6.99 -11.68 -7.91
CA SER B 92 8.40 -11.53 -8.23
C SER B 92 8.64 -10.33 -9.13
N ASN B 93 9.79 -9.70 -8.94
CA ASN B 93 10.31 -8.76 -9.92
C ASN B 93 10.93 -9.54 -11.08
N PRO B 94 10.65 -9.18 -12.34
CA PRO B 94 9.60 -8.27 -12.83
C PRO B 94 8.20 -8.86 -12.67
N PRO B 95 7.19 -8.01 -12.47
CA PRO B 95 5.81 -8.45 -12.67
C PRO B 95 5.59 -8.90 -14.10
N THR B 96 4.69 -9.86 -14.27
CA THR B 96 4.52 -10.53 -15.54
C THR B 96 3.05 -10.77 -15.79
N PHE B 97 2.69 -10.88 -17.07
CA PHE B 97 1.33 -11.13 -17.51
C PHE B 97 1.23 -12.49 -18.19
N GLY B 98 0.06 -13.10 -18.11
CA GLY B 98 -0.23 -14.27 -18.89
C GLY B 98 -0.45 -13.94 -20.35
N GLY B 99 -0.46 -14.98 -21.18
CA GLY B 99 -0.66 -14.80 -22.60
C GLY B 99 -2.03 -14.30 -23.00
N GLY B 100 -2.97 -14.21 -22.07
CA GLY B 100 -4.33 -13.83 -22.38
C GLY B 100 -5.20 -15.00 -22.76
N THR B 101 -6.48 -14.90 -22.41
CA THR B 101 -7.53 -15.76 -22.94
C THR B 101 -8.53 -14.89 -23.69
N LYS B 102 -8.68 -15.16 -24.99
CA LYS B 102 -9.66 -14.46 -25.81
C LYS B 102 -11.00 -15.17 -25.70
N LEU B 103 -11.98 -14.49 -25.12
CA LEU B 103 -13.35 -14.97 -25.05
C LEU B 103 -14.16 -14.34 -26.18
N GLU B 104 -14.75 -15.17 -27.05
CA GLU B 104 -15.73 -14.73 -28.02
C GLU B 104 -17.00 -15.56 -27.92
N ILE B 105 -18.13 -14.92 -28.17
CA ILE B 105 -19.43 -15.39 -27.72
C ILE B 105 -20.19 -15.97 -28.90
N LYS B 106 -20.66 -17.21 -28.76
CA LYS B 106 -21.46 -17.87 -29.80
C LYS B 106 -22.89 -17.35 -29.88
N ARG B 107 -23.07 -16.09 -30.28
CA ARG B 107 -24.42 -15.59 -30.47
C ARG B 107 -25.11 -16.30 -31.63
N THR B 108 -26.42 -16.08 -31.74
CA THR B 108 -27.17 -16.59 -32.89
C THR B 108 -26.71 -15.95 -34.20
N VAL B 109 -26.82 -16.74 -35.28
CA VAL B 109 -26.48 -16.28 -36.62
C VAL B 109 -27.21 -14.98 -36.96
N ALA B 110 -26.51 -14.08 -37.63
CA ALA B 110 -27.09 -12.86 -38.17
C ALA B 110 -26.57 -12.64 -39.58
N ALA B 111 -27.47 -12.33 -40.52
CA ALA B 111 -27.07 -12.09 -41.90
C ALA B 111 -26.46 -10.70 -42.05
N PRO B 112 -25.46 -10.55 -42.92
CA PRO B 112 -24.86 -9.23 -43.16
C PRO B 112 -25.80 -8.31 -43.91
N SER B 113 -25.94 -7.08 -43.41
CA SER B 113 -26.44 -5.97 -44.22
C SER B 113 -25.35 -5.53 -45.19
N VAL B 114 -25.54 -5.81 -46.47
CA VAL B 114 -24.53 -5.58 -47.49
C VAL B 114 -24.75 -4.22 -48.15
N PHE B 115 -23.68 -3.44 -48.25
CA PHE B 115 -23.69 -2.12 -48.86
C PHE B 115 -22.49 -2.02 -49.80
N ILE B 116 -22.65 -1.27 -50.89
CA ILE B 116 -21.57 -1.04 -51.84
C ILE B 116 -21.45 0.46 -52.09
N PHE B 117 -20.21 0.94 -52.15
CA PHE B 117 -19.91 2.34 -52.34
C PHE B 117 -19.09 2.53 -53.62
N PRO B 118 -19.51 3.37 -54.55
CA PRO B 118 -18.67 3.70 -55.70
C PRO B 118 -17.43 4.47 -55.27
N PRO B 119 -16.38 4.47 -56.09
CA PRO B 119 -15.32 5.46 -55.93
C PRO B 119 -15.85 6.87 -56.03
N SER B 120 -15.41 7.73 -55.11
CA SER B 120 -15.78 9.13 -55.16
C SER B 120 -15.02 9.85 -56.27
N ASP B 121 -15.62 10.96 -56.73
CA ASP B 121 -14.96 11.81 -57.72
C ASP B 121 -13.65 12.39 -57.18
N GLU B 122 -13.63 12.77 -55.90
CA GLU B 122 -12.39 13.20 -55.25
C GLU B 122 -11.24 12.24 -55.51
N GLN B 123 -11.49 10.94 -55.42
CA GLN B 123 -10.43 9.96 -55.62
C GLN B 123 -10.08 9.78 -57.10
N LEU B 124 -11.07 9.80 -57.98
CA LEU B 124 -10.79 9.71 -59.41
C LEU B 124 -9.96 10.89 -59.91
N LYS B 125 -10.14 12.07 -59.32
CA LYS B 125 -9.23 13.18 -59.60
C LYS B 125 -7.79 12.87 -59.20
N SER B 126 -7.56 11.90 -58.33
CA SER B 126 -6.21 11.43 -58.01
C SER B 126 -5.77 10.27 -58.88
N GLY B 127 -6.59 9.82 -59.82
CA GLY B 127 -6.24 8.72 -60.70
C GLY B 127 -6.43 7.33 -60.12
N THR B 128 -6.95 7.21 -58.91
CA THR B 128 -7.17 5.92 -58.28
C THR B 128 -8.65 5.75 -57.96
N ALA B 129 -9.14 4.52 -58.06
CA ALA B 129 -10.52 4.19 -57.72
C ALA B 129 -10.53 3.05 -56.71
N SER B 130 -11.15 3.28 -55.55
CA SER B 130 -11.38 2.24 -54.56
C SER B 130 -12.88 2.02 -54.41
N VAL B 131 -13.31 0.77 -54.60
CA VAL B 131 -14.71 0.38 -54.43
C VAL B 131 -14.83 -0.38 -53.12
N VAL B 132 -15.74 0.05 -52.25
CA VAL B 132 -15.88 -0.51 -50.91
C VAL B 132 -17.20 -1.28 -50.84
N CYS B 133 -17.11 -2.53 -50.40
CA CYS B 133 -18.26 -3.36 -50.09
C CYS B 133 -18.31 -3.55 -48.58
N LEU B 134 -19.44 -3.25 -47.96
CA LEU B 134 -19.59 -3.30 -46.52
C LEU B 134 -20.58 -4.38 -46.12
N LEU B 135 -20.16 -5.25 -45.21
CA LEU B 135 -21.03 -6.24 -44.56
C LEU B 135 -21.23 -5.81 -43.13
N ASN B 136 -22.46 -5.45 -42.78
CA ASN B 136 -22.75 -4.90 -41.46
C ASN B 136 -23.43 -5.93 -40.57
N ASN B 137 -22.96 -6.00 -39.32
CA ASN B 137 -23.61 -6.74 -38.23
C ASN B 137 -24.00 -8.17 -38.65
N PHE B 138 -22.99 -8.98 -38.89
CA PHE B 138 -23.19 -10.39 -39.21
C PHE B 138 -22.47 -11.26 -38.20
N TYR B 139 -22.95 -12.50 -38.08
CA TYR B 139 -22.31 -13.54 -37.29
C TYR B 139 -22.69 -14.87 -37.91
N PRO B 140 -21.76 -15.85 -37.96
CA PRO B 140 -20.37 -15.83 -37.51
C PRO B 140 -19.39 -15.10 -38.42
N ARG B 141 -18.11 -15.18 -38.08
CA ARG B 141 -17.07 -14.41 -38.77
C ARG B 141 -16.84 -14.87 -40.20
N GLU B 142 -17.22 -16.10 -40.53
CA GLU B 142 -16.88 -16.71 -41.82
C GLU B 142 -17.80 -16.22 -42.93
N ALA B 143 -17.75 -14.92 -43.17
CA ALA B 143 -18.28 -14.38 -44.42
C ALA B 143 -17.24 -14.50 -45.53
N LYS B 144 -17.72 -14.49 -46.77
CA LYS B 144 -16.86 -14.42 -47.94
C LYS B 144 -17.42 -13.37 -48.90
N VAL B 145 -16.54 -12.51 -49.41
CA VAL B 145 -16.90 -11.48 -50.37
C VAL B 145 -16.23 -11.83 -51.69
N GLN B 146 -17.01 -11.97 -52.74
CA GLN B 146 -16.51 -12.19 -54.09
C GLN B 146 -16.82 -10.96 -54.94
N TRP B 147 -15.78 -10.32 -55.46
CA TRP B 147 -15.96 -9.18 -56.34
C TRP B 147 -16.20 -9.63 -57.76
N LYS B 148 -17.09 -8.91 -58.46
CA LYS B 148 -17.36 -9.16 -59.87
C LYS B 148 -17.41 -7.84 -60.60
N VAL B 149 -16.91 -7.84 -61.83
CA VAL B 149 -16.77 -6.62 -62.63
C VAL B 149 -17.16 -6.97 -64.07
N ASP B 150 -18.26 -6.41 -64.55
CA ASP B 150 -18.93 -6.89 -65.77
C ASP B 150 -19.12 -8.40 -65.76
N ASN B 151 -19.32 -8.96 -64.56
CA ASN B 151 -19.41 -10.39 -64.27
C ASN B 151 -18.09 -11.13 -64.43
N ALA B 152 -17.02 -10.47 -64.86
CA ALA B 152 -15.70 -11.06 -64.71
C ALA B 152 -15.34 -11.17 -63.23
N LEU B 153 -14.53 -12.17 -62.92
CA LEU B 153 -14.27 -12.54 -61.52
C LEU B 153 -12.94 -11.94 -61.09
N GLN B 154 -12.98 -11.07 -60.08
CA GLN B 154 -11.77 -10.44 -59.57
C GLN B 154 -11.06 -11.35 -58.59
N SER B 155 -9.73 -11.22 -58.54
CA SER B 155 -8.96 -11.87 -57.49
C SER B 155 -7.68 -11.08 -57.24
N GLY B 156 -7.16 -11.22 -56.02
CA GLY B 156 -5.91 -10.60 -55.64
C GLY B 156 -5.94 -9.10 -55.37
N ASN B 157 -6.71 -8.36 -56.17
CA ASN B 157 -6.73 -6.90 -56.10
C ASN B 157 -7.77 -6.36 -55.13
N SER B 158 -8.10 -7.10 -54.06
CA SER B 158 -8.99 -6.60 -53.03
C SER B 158 -8.47 -7.06 -51.66
N GLN B 159 -8.85 -6.30 -50.63
CA GLN B 159 -8.46 -6.63 -49.26
C GLN B 159 -9.66 -6.53 -48.33
N GLU B 160 -9.78 -7.52 -47.44
CA GLU B 160 -10.80 -7.53 -46.40
C GLU B 160 -10.25 -6.91 -45.12
N SER B 161 -11.11 -6.22 -44.39
CA SER B 161 -10.84 -5.85 -43.01
C SER B 161 -12.11 -5.97 -42.20
N VAL B 162 -11.99 -6.49 -40.98
CA VAL B 162 -13.12 -6.92 -40.19
C VAL B 162 -12.94 -6.44 -38.75
N THR B 163 -14.02 -5.93 -38.16
CA THR B 163 -13.97 -5.41 -36.79
C THR B 163 -13.75 -6.55 -35.80
N CYS B 164 -13.44 -6.18 -34.56
CA CYS B 164 -13.65 -7.07 -33.44
C CYS B 164 -15.14 -7.26 -33.18
N GLN B 165 -15.44 -8.24 -32.33
CA GLN B 165 -16.82 -8.55 -31.96
C GLN B 165 -17.44 -7.40 -31.18
N ASP B 166 -18.59 -6.92 -31.65
CA ASP B 166 -19.25 -5.77 -31.05
C ASP B 166 -19.71 -6.12 -29.64
N SER B 167 -19.24 -5.38 -28.64
CA SER B 167 -19.57 -5.66 -27.25
C SER B 167 -21.05 -5.44 -26.92
N LYS B 168 -21.79 -4.73 -27.78
CA LYS B 168 -23.22 -4.58 -27.57
C LYS B 168 -24.03 -5.73 -28.14
N ASP B 169 -23.49 -6.44 -29.12
CA ASP B 169 -24.31 -7.18 -30.07
C ASP B 169 -23.68 -8.51 -30.47
N CYS B 170 -22.41 -8.75 -30.16
CA CYS B 170 -21.62 -9.92 -30.55
C CYS B 170 -21.51 -10.12 -32.06
N THR B 171 -21.87 -9.14 -32.87
CA THR B 171 -21.69 -9.31 -34.31
C THR B 171 -20.36 -8.74 -34.77
N TYR B 172 -20.06 -8.96 -36.04
CA TYR B 172 -18.92 -8.36 -36.72
C TYR B 172 -19.39 -7.51 -37.88
N SER B 173 -18.55 -6.55 -38.27
CA SER B 173 -18.66 -5.91 -39.57
C SER B 173 -17.39 -6.15 -40.37
N LEU B 174 -17.53 -6.19 -41.68
CA LEU B 174 -16.40 -6.40 -42.58
C LEU B 174 -16.52 -5.43 -43.74
N SER B 175 -15.40 -4.84 -44.14
CA SER B 175 -15.30 -4.11 -45.39
C SER B 175 -14.33 -4.80 -46.34
N SER B 176 -14.73 -4.91 -47.61
CA SER B 176 -13.85 -5.31 -48.69
C SER B 176 -13.64 -4.11 -49.60
N THR B 177 -12.38 -3.82 -49.92
CA THR B 177 -12.04 -2.70 -50.79
C THR B 177 -11.40 -3.22 -52.07
N LEU B 178 -12.09 -3.07 -53.19
CA LEU B 178 -11.51 -3.30 -54.51
C LEU B 178 -10.75 -2.05 -54.92
N THR B 179 -9.54 -2.22 -55.43
CA THR B 179 -8.74 -1.10 -55.88
C THR B 179 -8.35 -1.27 -57.34
N LEU B 180 -8.41 -0.16 -58.08
CA LEU B 180 -8.27 -0.16 -59.53
C LEU B 180 -7.56 1.13 -59.92
N SER B 181 -6.91 1.10 -61.08
CA SER B 181 -6.54 2.37 -61.69
C SER B 181 -7.78 3.07 -62.22
N LYS B 182 -7.67 4.39 -62.37
CA LYS B 182 -8.72 5.17 -63.03
C LYS B 182 -8.97 4.66 -64.45
N ALA B 183 -7.92 4.24 -65.16
CA ALA B 183 -8.10 3.71 -66.51
C ALA B 183 -8.78 2.34 -66.50
N ASP B 184 -8.58 1.53 -65.45
CA ASP B 184 -9.33 0.30 -65.30
C ASP B 184 -10.78 0.57 -64.90
N TYR B 185 -10.97 1.42 -63.89
CA TYR B 185 -12.32 1.73 -63.43
C TYR B 185 -13.20 2.28 -64.55
N GLU B 186 -12.62 3.06 -65.46
CA GLU B 186 -13.40 3.67 -66.53
C GLU B 186 -13.53 2.81 -67.78
N LYS B 187 -12.92 1.63 -67.82
CA LYS B 187 -13.30 0.66 -68.85
C LYS B 187 -14.65 0.02 -68.51
N HIS B 188 -14.68 -0.79 -67.46
CA HIS B 188 -15.87 -1.56 -67.14
C HIS B 188 -16.97 -0.66 -66.59
N LYS B 189 -18.21 -1.17 -66.63
CA LYS B 189 -19.38 -0.43 -66.19
C LYS B 189 -20.04 -0.98 -64.94
N VAL B 190 -20.19 -2.30 -64.82
CA VAL B 190 -20.99 -2.91 -63.77
C VAL B 190 -20.05 -3.49 -62.71
N TYR B 191 -20.08 -2.91 -61.52
CA TYR B 191 -19.27 -3.36 -60.39
C TYR B 191 -20.18 -3.96 -59.33
N ALA B 192 -19.83 -5.16 -58.87
CA ALA B 192 -20.64 -5.86 -57.87
C ALA B 192 -19.74 -6.59 -56.89
N CYS B 193 -20.18 -6.64 -55.63
CA CYS B 193 -19.68 -7.62 -54.67
C CYS B 193 -20.78 -8.61 -54.34
N GLU B 194 -20.43 -9.90 -54.32
CA GLU B 194 -21.34 -10.98 -54.00
C GLU B 194 -20.92 -11.63 -52.69
N VAL B 195 -21.87 -11.74 -51.76
CA VAL B 195 -21.59 -12.14 -50.38
C VAL B 195 -22.27 -13.47 -50.12
N THR B 196 -21.49 -14.46 -49.70
CA THR B 196 -22.00 -15.72 -49.17
C THR B 196 -21.81 -15.74 -47.67
N HIS B 197 -22.90 -16.00 -46.94
CA HIS B 197 -22.81 -16.12 -45.50
C HIS B 197 -23.93 -17.04 -45.01
N GLN B 198 -23.72 -17.63 -43.83
CA GLN B 198 -24.68 -18.59 -43.30
C GLN B 198 -26.05 -17.97 -43.08
N GLY B 199 -26.11 -16.68 -42.79
CA GLY B 199 -27.38 -16.00 -42.63
C GLY B 199 -28.14 -15.75 -43.90
N LEU B 200 -27.57 -16.09 -45.06
CA LEU B 200 -28.16 -15.84 -46.37
C LEU B 200 -28.52 -17.18 -46.99
N SER B 201 -29.80 -17.33 -47.34
CA SER B 201 -30.25 -18.57 -47.98
C SER B 201 -29.70 -18.71 -49.40
N SER B 202 -29.28 -17.61 -50.02
CA SER B 202 -28.54 -17.66 -51.26
C SER B 202 -27.61 -16.46 -51.30
N PRO B 203 -26.53 -16.52 -52.08
CA PRO B 203 -25.56 -15.40 -52.10
C PRO B 203 -26.22 -14.11 -52.57
N VAL B 204 -26.22 -13.11 -51.69
CA VAL B 204 -26.70 -11.79 -52.04
C VAL B 204 -25.62 -11.05 -52.81
N THR B 205 -26.03 -10.23 -53.78
CA THR B 205 -25.12 -9.35 -54.49
C THR B 205 -25.65 -7.94 -54.46
N LYS B 206 -24.74 -6.98 -54.32
CA LYS B 206 -25.06 -5.57 -54.41
C LYS B 206 -24.14 -4.94 -55.46
N SER B 207 -24.71 -4.09 -56.30
CA SER B 207 -24.01 -3.59 -57.47
C SER B 207 -24.36 -2.15 -57.74
N PHE B 208 -23.59 -1.53 -58.62
CA PHE B 208 -23.94 -0.23 -59.19
C PHE B 208 -23.42 -0.17 -60.62
N ASN B 209 -24.10 0.62 -61.44
CA ASN B 209 -23.54 1.05 -62.71
C ASN B 209 -22.65 2.27 -62.49
N ARG B 210 -21.51 2.28 -63.17
CA ARG B 210 -20.65 3.46 -63.20
C ARG B 210 -21.32 4.57 -64.00
N GLY B 211 -21.50 5.73 -63.37
CA GLY B 211 -22.09 6.88 -64.03
C GLY B 211 -23.37 7.37 -63.38
N GLU B 212 -24.27 6.44 -63.06
CA GLU B 212 -25.49 6.80 -62.37
C GLU B 212 -25.22 7.19 -60.92
N CYS B 213 -26.07 8.05 -60.38
CA CYS B 213 -25.79 8.77 -59.15
C CYS B 213 -25.71 7.84 -57.95
N MET C 9 42.00 -38.30 28.64
CA MET C 9 42.04 -39.58 27.96
C MET C 9 43.29 -39.64 27.08
N ARG C 10 43.73 -40.85 26.74
CA ARG C 10 44.91 -41.02 25.90
C ARG C 10 44.71 -40.45 24.51
N GLU C 11 43.48 -40.48 23.99
CA GLU C 11 43.14 -39.90 22.69
C GLU C 11 43.31 -38.39 22.61
N SER C 12 44.10 -37.80 23.51
CA SER C 12 44.15 -36.35 23.65
C SER C 12 44.63 -35.64 22.40
N LYS C 13 45.38 -36.33 21.53
CA LYS C 13 45.67 -35.80 20.20
C LYS C 13 44.41 -35.71 19.36
N THR C 14 43.67 -36.81 19.25
CA THR C 14 42.38 -36.82 18.56
C THR C 14 41.40 -35.83 19.17
N LEU C 15 41.42 -35.67 20.49
CA LEU C 15 40.53 -34.73 21.16
C LEU C 15 40.94 -33.27 20.96
N GLY C 16 42.24 -32.98 20.96
CA GLY C 16 42.67 -31.60 20.72
C GLY C 16 42.28 -31.05 19.36
N ALA C 17 42.28 -31.91 18.34
CA ALA C 17 41.75 -31.54 17.03
C ALA C 17 40.27 -31.17 17.11
N VAL C 18 39.48 -32.00 17.81
CA VAL C 18 38.05 -31.73 17.99
C VAL C 18 37.82 -30.37 18.65
N GLN C 19 38.60 -30.02 19.67
CA GLN C 19 38.47 -28.71 20.29
C GLN C 19 38.76 -27.58 19.31
N ILE C 20 39.85 -27.69 18.56
CA ILE C 20 40.18 -26.68 17.56
C ILE C 20 39.07 -26.53 16.53
N MET C 21 38.56 -27.64 16.02
CA MET C 21 37.48 -27.59 15.05
C MET C 21 36.22 -26.95 15.62
N ASN C 22 35.83 -27.32 16.85
CA ASN C 22 34.73 -26.64 17.52
C ASN C 22 34.98 -25.15 17.68
N GLY C 23 36.24 -24.75 17.87
CA GLY C 23 36.56 -23.33 17.92
C GLY C 23 36.34 -22.62 16.60
N LEU C 24 36.92 -23.15 15.51
CA LEU C 24 36.77 -22.55 14.19
C LEU C 24 35.31 -22.45 13.76
N PHE C 25 34.51 -23.48 14.01
CA PHE C 25 33.11 -23.45 13.61
C PHE C 25 32.28 -22.47 14.44
N HIS C 26 32.61 -22.29 15.72
CA HIS C 26 32.01 -21.20 16.48
C HIS C 26 32.33 -19.85 15.87
N ILE C 27 33.59 -19.62 15.48
CA ILE C 27 33.97 -18.37 14.84
C ILE C 27 33.20 -18.17 13.54
N ALA C 28 33.08 -19.23 12.73
CA ALA C 28 32.32 -19.14 11.49
C ALA C 28 30.84 -18.86 11.74
N LEU C 29 30.24 -19.60 12.67
CA LEU C 29 28.86 -19.31 13.06
C LEU C 29 28.70 -17.92 13.65
N GLY C 30 29.70 -17.44 14.38
CA GLY C 30 29.64 -16.08 14.89
C GLY C 30 29.64 -15.03 13.78
N GLY C 31 30.59 -15.13 12.85
CA GLY C 31 30.60 -14.21 11.73
C GLY C 31 29.34 -14.28 10.89
N LEU C 32 28.82 -15.49 10.71
CA LEU C 32 27.54 -15.67 10.03
C LEU C 32 26.39 -15.06 10.83
N LEU C 33 26.39 -15.26 12.14
CA LEU C 33 25.37 -14.68 13.01
C LEU C 33 25.54 -13.17 13.19
N MET C 34 26.71 -12.64 12.88
CA MET C 34 26.96 -11.20 12.83
C MET C 34 26.60 -10.56 11.50
N ILE C 35 26.14 -11.34 10.52
CA ILE C 35 25.64 -10.75 9.28
C ILE C 35 24.43 -9.87 9.60
N PRO C 36 24.38 -8.64 9.07
CA PRO C 36 23.28 -7.72 9.38
C PRO C 36 21.89 -8.33 9.31
N ALA C 37 21.15 -8.22 10.42
CA ALA C 37 19.82 -8.79 10.52
C ALA C 37 18.85 -7.94 11.32
N GLY C 38 19.24 -6.76 11.78
CA GLY C 38 18.27 -5.86 12.34
C GLY C 38 18.68 -5.23 13.65
N ILE C 39 17.68 -4.61 14.29
CA ILE C 39 17.86 -3.80 15.48
C ILE C 39 18.49 -4.59 16.62
N TYR C 40 17.90 -5.74 16.94
CA TYR C 40 18.38 -6.60 18.02
C TYR C 40 19.14 -7.80 17.49
N ALA C 41 20.25 -8.10 18.15
CA ALA C 41 21.04 -9.30 17.90
C ALA C 41 20.77 -10.33 18.99
N PRO C 42 21.17 -11.59 18.77
CA PRO C 42 21.30 -12.52 19.89
C PRO C 42 22.37 -12.10 20.89
N ILE C 43 22.13 -12.47 22.15
CA ILE C 43 23.07 -12.21 23.23
C ILE C 43 24.44 -12.77 22.91
N CYS C 44 24.49 -13.95 22.28
CA CYS C 44 25.75 -14.55 21.86
C CYS C 44 26.60 -13.60 21.04
N VAL C 45 25.98 -12.82 20.16
CA VAL C 45 26.73 -11.86 19.35
C VAL C 45 27.25 -10.72 20.21
N THR C 46 26.39 -10.14 21.06
CA THR C 46 26.82 -8.99 21.83
C THR C 46 27.73 -9.35 22.99
N VAL C 47 27.62 -10.57 23.53
CA VAL C 47 28.66 -11.11 24.40
C VAL C 47 29.93 -11.45 23.63
N TRP C 48 29.87 -11.48 22.30
CA TRP C 48 30.97 -11.92 21.44
C TRP C 48 31.40 -13.35 21.73
N TYR C 49 30.53 -14.15 22.34
CA TYR C 49 30.87 -15.53 22.70
C TYR C 49 31.55 -16.31 21.57
N PRO C 50 31.04 -16.34 20.34
CA PRO C 50 31.70 -17.16 19.32
C PRO C 50 33.10 -16.70 18.97
N LEU C 51 33.43 -15.43 19.17
CA LEU C 51 34.81 -14.99 18.94
C LEU C 51 35.73 -15.42 20.08
N TRP C 52 35.48 -14.91 21.28
CA TRP C 52 36.38 -15.23 22.40
C TRP C 52 36.24 -16.68 22.81
N GLY C 53 35.02 -17.22 22.79
CA GLY C 53 34.84 -18.63 23.09
C GLY C 53 35.44 -19.55 22.04
N GLY C 54 35.31 -19.17 20.76
CA GLY C 54 35.92 -19.94 19.70
C GLY C 54 37.43 -20.02 19.80
N ILE C 55 38.10 -18.87 19.94
CA ILE C 55 39.55 -18.88 20.08
C ILE C 55 40.01 -19.55 21.37
N MET C 56 39.20 -19.53 22.42
CA MET C 56 39.54 -20.29 23.62
C MET C 56 39.59 -21.79 23.34
N TYR C 57 38.70 -22.29 22.49
CA TYR C 57 38.77 -23.70 22.11
C TYR C 57 39.92 -23.97 21.14
N ILE C 58 40.38 -22.97 20.41
CA ILE C 58 41.66 -23.08 19.71
C ILE C 58 42.82 -23.14 20.70
N ILE C 59 42.75 -22.35 21.77
CA ILE C 59 43.88 -22.22 22.68
C ILE C 59 44.03 -23.47 23.55
N SER C 60 42.92 -24.10 23.92
CA SER C 60 43.01 -25.42 24.55
C SER C 60 43.58 -26.49 23.63
N GLY C 61 43.67 -26.24 22.33
CA GLY C 61 44.61 -26.94 21.46
C GLY C 61 46.07 -26.92 21.87
N SER C 62 46.42 -26.11 22.88
CA SER C 62 47.70 -26.25 23.56
C SER C 62 48.00 -27.67 24.02
N LEU C 63 46.97 -28.44 24.37
CA LEU C 63 47.18 -29.81 24.80
C LEU C 63 47.60 -30.75 23.68
N LEU C 64 47.51 -30.32 22.41
CA LEU C 64 48.15 -31.07 21.34
C LEU C 64 49.67 -31.09 21.48
N ALA C 65 50.25 -30.03 22.03
CA ALA C 65 51.65 -30.06 22.45
C ALA C 65 51.77 -30.81 23.78
N ALA C 66 51.54 -32.11 23.69
CA ALA C 66 51.60 -32.99 24.86
C ALA C 66 53.03 -33.17 25.34
N VAL C 76 51.97 -28.16 32.75
CA VAL C 76 52.23 -26.95 33.53
C VAL C 76 50.92 -26.32 33.98
N LYS C 77 50.97 -25.59 35.10
CA LYS C 77 49.77 -25.05 35.72
C LYS C 77 48.98 -24.14 34.79
N GLY C 78 49.62 -23.57 33.77
CA GLY C 78 48.88 -22.85 32.74
C GLY C 78 47.85 -23.71 32.04
N LYS C 79 48.22 -24.94 31.68
CA LYS C 79 47.31 -25.81 30.94
C LYS C 79 46.11 -26.21 31.78
N MET C 80 46.33 -26.46 33.08
CA MET C 80 45.21 -26.66 33.99
C MET C 80 44.29 -25.46 34.00
N ILE C 81 44.86 -24.26 33.93
CA ILE C 81 44.06 -23.04 33.86
C ILE C 81 43.38 -22.91 32.50
N MET C 82 44.12 -23.21 31.43
CA MET C 82 43.56 -23.13 30.08
C MET C 82 42.39 -24.09 29.89
N ASN C 83 42.54 -25.33 30.35
CA ASN C 83 41.43 -26.29 30.26
C ASN C 83 40.25 -25.84 31.10
N SER C 84 40.51 -25.40 32.34
CA SER C 84 39.43 -24.93 33.20
C SER C 84 38.78 -23.67 32.63
N LEU C 85 39.59 -22.77 32.06
CA LEU C 85 39.03 -21.59 31.43
C LEU C 85 38.16 -21.95 30.22
N SER C 86 38.59 -22.95 29.44
CA SER C 86 37.78 -23.40 28.31
C SER C 86 36.47 -24.04 28.75
N LEU C 87 36.45 -24.70 29.90
CA LEU C 87 35.21 -25.29 30.41
C LEU C 87 34.19 -24.21 30.78
N PHE C 88 34.64 -23.11 31.38
CA PHE C 88 33.75 -21.99 31.64
C PHE C 88 33.16 -21.44 30.34
N ALA C 89 33.98 -21.32 29.29
CA ALA C 89 33.49 -20.83 28.01
C ALA C 89 32.41 -21.76 27.44
N ALA C 90 32.66 -23.07 27.47
CA ALA C 90 31.68 -24.03 26.96
C ALA C 90 30.36 -23.96 27.72
N ILE C 91 30.43 -23.98 29.05
CA ILE C 91 29.22 -23.87 29.87
C ILE C 91 28.50 -22.56 29.60
N SER C 92 29.23 -21.44 29.62
CA SER C 92 28.60 -20.14 29.40
C SER C 92 28.01 -20.02 28.01
N GLY C 93 28.68 -20.60 27.01
CA GLY C 93 28.12 -20.61 25.67
C GLY C 93 26.85 -21.42 25.55
N MET C 94 26.83 -22.60 26.18
CA MET C 94 25.62 -23.41 26.17
C MET C 94 24.46 -22.71 26.87
N ILE C 95 24.74 -21.99 27.95
CA ILE C 95 23.71 -21.19 28.61
C ILE C 95 23.26 -20.04 27.71
N LEU C 96 24.21 -19.32 27.12
CA LEU C 96 23.88 -18.19 26.26
C LEU C 96 23.03 -18.59 25.06
N SER C 97 23.36 -19.71 24.43
CA SER C 97 22.57 -20.17 23.28
C SER C 97 21.20 -20.70 23.69
N ILE C 98 21.09 -21.32 24.87
CA ILE C 98 19.77 -21.63 25.41
C ILE C 98 18.95 -20.36 25.61
N MET C 99 19.56 -19.32 26.18
CA MET C 99 18.86 -18.07 26.43
C MET C 99 18.33 -17.45 25.14
N ASP C 100 19.16 -17.38 24.10
CA ASP C 100 18.73 -16.77 22.84
C ASP C 100 17.61 -17.53 22.14
N ILE C 101 17.59 -18.86 22.22
CA ILE C 101 16.48 -19.61 21.63
C ILE C 101 15.17 -19.27 22.34
N LEU C 102 15.21 -19.11 23.67
CA LEU C 102 14.05 -18.62 24.40
C LEU C 102 13.78 -17.16 24.09
N ASN C 103 14.86 -16.37 23.96
CA ASN C 103 14.74 -14.98 23.55
C ASN C 103 14.00 -14.84 22.23
N ILE C 104 14.25 -15.76 21.29
CA ILE C 104 13.58 -15.75 19.99
C ILE C 104 12.16 -16.31 20.05
N LYS C 105 11.93 -17.41 20.78
CA LYS C 105 10.69 -18.16 20.59
C LYS C 105 9.68 -18.12 21.74
N ILE C 106 10.00 -17.58 22.92
CA ILE C 106 8.99 -17.40 23.95
C ILE C 106 8.84 -15.94 24.38
N SER C 107 9.95 -15.21 24.48
CA SER C 107 9.88 -13.81 24.91
C SER C 107 11.22 -13.11 24.72
N HIS C 108 11.23 -11.98 24.03
CA HIS C 108 12.45 -11.20 23.87
C HIS C 108 12.76 -10.48 25.17
N PHE C 109 13.31 -11.26 26.12
CA PHE C 109 13.49 -10.77 27.49
C PHE C 109 14.77 -9.97 27.68
N LEU C 110 15.77 -10.13 26.81
CA LEU C 110 17.03 -9.42 26.94
C LEU C 110 17.38 -8.76 25.60
N LYS C 111 17.09 -7.46 25.51
CA LYS C 111 17.02 -6.73 24.24
C LYS C 111 18.40 -6.17 23.87
N MET C 112 19.30 -7.10 23.55
CA MET C 112 20.68 -6.78 23.19
C MET C 112 20.73 -5.96 21.90
N GLU C 113 21.07 -4.67 22.04
CA GLU C 113 20.95 -3.65 21.01
C GLU C 113 21.92 -3.83 19.85
N SER C 114 22.42 -5.04 19.64
CA SER C 114 23.30 -5.39 18.51
C SER C 114 24.54 -4.48 18.48
N LEU C 115 25.07 -4.23 17.28
CA LEU C 115 26.23 -3.38 17.07
C LEU C 115 25.93 -2.38 15.95
N ASN C 116 26.27 -1.12 16.19
CA ASN C 116 25.86 -0.04 15.29
C ASN C 116 26.47 -0.16 13.90
N PHE C 117 27.66 -0.74 13.78
CA PHE C 117 28.22 -1.01 12.46
C PHE C 117 27.52 -2.16 11.74
N ILE C 118 26.71 -2.94 12.45
CA ILE C 118 25.87 -3.96 11.85
C ILE C 118 24.45 -3.45 11.60
N ARG C 119 23.93 -2.65 12.54
CA ARG C 119 22.64 -1.98 12.34
C ARG C 119 22.67 -1.03 11.15
N ALA C 120 23.83 -0.47 10.81
CA ALA C 120 23.93 0.45 9.68
C ALA C 120 23.35 -0.14 8.40
N HIS C 121 23.53 -1.45 8.18
CA HIS C 121 22.96 -2.09 7.00
C HIS C 121 21.53 -2.58 7.22
N THR C 122 21.03 -2.60 8.45
CA THR C 122 19.67 -3.08 8.74
C THR C 122 18.98 -2.17 9.75
N PRO C 123 18.88 -0.86 9.45
CA PRO C 123 18.53 0.11 10.50
C PRO C 123 17.06 0.17 10.84
N TYR C 124 16.18 -0.42 10.04
CA TYR C 124 14.74 -0.21 10.14
C TYR C 124 13.99 -1.52 10.33
N ILE C 125 14.59 -2.50 10.99
CA ILE C 125 14.14 -3.88 10.82
C ILE C 125 14.42 -4.69 12.07
N ASN C 126 13.56 -5.69 12.32
CA ASN C 126 13.63 -6.52 13.49
C ASN C 126 13.09 -7.91 13.16
N ILE C 127 13.54 -8.90 13.93
CA ILE C 127 13.17 -10.30 13.69
C ILE C 127 12.62 -10.94 14.96
N TYR C 128 12.68 -10.21 16.07
CA TYR C 128 12.05 -10.62 17.32
C TYR C 128 10.55 -10.36 17.38
N ASN C 129 10.00 -9.61 16.42
CA ASN C 129 8.58 -9.74 16.10
C ASN C 129 8.41 -9.74 14.59
N CYS C 130 7.53 -10.60 14.10
CA CYS C 130 7.21 -10.66 12.69
C CYS C 130 5.72 -10.69 12.39
N GLU C 131 4.86 -10.62 13.40
CA GLU C 131 3.45 -10.37 13.15
C GLU C 131 3.28 -8.97 12.59
N PRO C 132 2.65 -8.80 11.42
CA PRO C 132 2.40 -7.45 10.92
C PRO C 132 1.30 -6.77 11.70
N ALA C 133 1.49 -5.47 11.94
CA ALA C 133 0.43 -4.64 12.51
C ALA C 133 -0.78 -4.51 11.60
N ASN C 134 -0.63 -4.85 10.32
CA ASN C 134 -1.72 -4.79 9.36
C ASN C 134 -2.07 -6.21 8.90
N PRO C 135 -3.18 -6.78 9.38
CA PRO C 135 -3.41 -8.22 9.19
C PRO C 135 -3.49 -8.65 7.75
N SER C 136 -3.81 -7.75 6.82
CA SER C 136 -3.72 -8.08 5.40
C SER C 136 -2.34 -8.60 5.03
N GLU C 137 -1.29 -8.10 5.70
CA GLU C 137 0.09 -8.46 5.38
C GLU C 137 0.51 -9.83 5.92
N LYS C 138 -0.35 -10.52 6.65
CA LYS C 138 -0.02 -11.88 7.08
C LYS C 138 0.31 -12.79 5.91
N ASN C 139 -0.31 -12.55 4.76
CA ASN C 139 -0.03 -13.30 3.54
C ASN C 139 1.20 -12.81 2.82
N SER C 140 1.69 -11.62 3.16
CA SER C 140 2.61 -10.89 2.30
C SER C 140 3.99 -11.54 2.28
N PRO C 141 4.68 -11.50 1.14
CA PRO C 141 6.11 -11.82 1.10
C PRO C 141 6.94 -11.13 2.18
N SER C 142 6.65 -9.87 2.51
CA SER C 142 7.39 -9.18 3.56
C SER C 142 7.36 -9.96 4.88
N THR C 143 6.23 -10.59 5.18
CA THR C 143 6.10 -11.32 6.44
C THR C 143 6.86 -12.64 6.38
N GLN C 144 6.81 -13.32 5.23
CA GLN C 144 7.59 -14.55 5.03
C GLN C 144 9.09 -14.30 5.11
N TYR C 145 9.57 -13.17 4.59
CA TYR C 145 10.98 -12.81 4.78
C TYR C 145 11.34 -12.68 6.26
N CYS C 146 10.51 -12.01 7.05
CA CYS C 146 10.80 -11.85 8.47
C CYS C 146 10.89 -13.20 9.19
N TYR C 147 9.89 -14.07 8.99
CA TYR C 147 9.92 -15.39 9.59
C TYR C 147 11.05 -16.27 9.06
N SER C 148 11.52 -16.03 7.83
CA SER C 148 12.70 -16.74 7.34
C SER C 148 13.94 -16.40 8.14
N ILE C 149 14.18 -15.12 8.41
CA ILE C 149 15.37 -14.73 9.17
C ILE C 149 15.27 -15.21 10.61
N GLN C 150 14.10 -15.07 11.22
CA GLN C 150 13.88 -15.62 12.55
C GLN C 150 14.13 -17.13 12.61
N SER C 151 13.71 -17.86 11.58
CA SER C 151 14.00 -19.29 11.52
C SER C 151 15.48 -19.59 11.30
N LEU C 152 16.15 -18.78 10.47
CA LEU C 152 17.60 -18.94 10.32
C LEU C 152 18.36 -18.68 11.62
N PHE C 153 17.99 -17.62 12.34
CA PHE C 153 18.65 -17.35 13.62
C PHE C 153 18.40 -18.46 14.64
N LEU C 154 17.16 -18.94 14.73
CA LEU C 154 16.89 -20.12 15.53
C LEU C 154 17.75 -21.31 15.10
N GLY C 155 17.90 -21.50 13.78
CA GLY C 155 18.77 -22.54 13.28
C GLY C 155 20.24 -22.37 13.66
N ILE C 156 20.79 -21.18 13.41
CA ILE C 156 22.18 -20.91 13.76
C ILE C 156 22.44 -21.07 15.25
N LEU C 157 21.52 -20.58 16.08
CA LEU C 157 21.72 -20.67 17.52
C LEU C 157 21.66 -22.11 18.02
N SER C 158 20.72 -22.90 17.51
CA SER C 158 20.62 -24.29 17.94
C SER C 158 21.76 -25.14 17.40
N VAL C 159 22.31 -24.79 16.24
CA VAL C 159 23.55 -25.42 15.77
C VAL C 159 24.73 -25.02 16.66
N MET C 160 24.83 -23.73 16.99
CA MET C 160 25.87 -23.30 17.92
C MET C 160 25.73 -23.92 19.30
N LEU C 161 24.49 -24.12 19.76
CA LEU C 161 24.27 -24.79 21.05
C LEU C 161 24.78 -26.22 21.04
N ILE C 162 24.41 -27.01 20.03
CA ILE C 162 24.79 -28.42 20.03
C ILE C 162 26.30 -28.62 19.90
N PHE C 163 27.00 -27.71 19.24
CA PHE C 163 28.46 -27.71 19.29
C PHE C 163 29.04 -27.13 20.57
N ALA C 164 28.36 -26.16 21.18
CA ALA C 164 28.76 -25.72 22.53
C ALA C 164 28.58 -26.84 23.54
N PHE C 165 27.53 -27.63 23.41
CA PHE C 165 27.35 -28.82 24.25
C PHE C 165 28.43 -29.85 23.97
N PHE C 166 28.84 -29.99 22.69
CA PHE C 166 29.92 -30.90 22.33
C PHE C 166 31.23 -30.56 23.02
N GLN C 167 31.52 -29.27 23.17
CA GLN C 167 32.69 -28.85 23.94
C GLN C 167 32.62 -29.31 25.39
N GLU C 168 31.47 -29.14 26.03
CA GLU C 168 31.34 -29.56 27.43
C GLU C 168 31.69 -31.04 27.61
N LEU C 169 31.19 -31.90 26.73
CA LEU C 169 31.50 -33.33 26.82
C LEU C 169 32.99 -33.61 26.75
N VAL C 170 33.69 -33.01 25.78
CA VAL C 170 35.11 -33.32 25.61
C VAL C 170 35.98 -32.66 26.68
N ILE C 171 35.62 -31.44 27.12
CA ILE C 171 36.38 -30.81 28.19
C ILE C 171 36.14 -31.52 29.52
N ALA C 172 34.92 -32.00 29.75
CA ALA C 172 34.67 -32.85 30.91
C ALA C 172 35.56 -34.09 30.89
N GLY C 173 35.66 -34.75 29.74
CA GLY C 173 36.56 -35.89 29.59
C GLY C 173 38.03 -35.59 29.80
N ILE C 174 38.36 -34.33 30.08
CA ILE C 174 39.74 -33.92 30.36
C ILE C 174 39.85 -33.40 31.79
N VAL C 175 39.03 -32.40 32.12
CA VAL C 175 39.16 -31.73 33.42
C VAL C 175 38.71 -32.64 34.55
N GLU C 176 37.82 -33.60 34.28
CA GLU C 176 37.55 -34.64 35.25
C GLU C 176 38.82 -35.43 35.60
N ASN C 177 39.74 -35.56 34.65
CA ASN C 177 41.05 -36.15 34.93
C ASN C 177 42.06 -35.15 35.47
N GLU C 178 41.96 -33.88 35.07
CA GLU C 178 42.92 -32.88 35.51
C GLU C 178 42.95 -32.76 37.03
N TRP C 179 41.81 -32.46 37.65
CA TRP C 179 41.82 -32.21 39.09
C TRP C 179 41.97 -33.48 39.90
N LYS C 180 41.58 -34.64 39.36
CA LYS C 180 41.92 -35.89 40.02
C LYS C 180 43.39 -36.25 39.87
N ARG C 181 44.07 -35.72 38.86
CA ARG C 181 45.53 -35.75 38.82
C ARG C 181 46.18 -34.65 39.64
N THR C 182 45.40 -33.71 40.17
CA THR C 182 45.93 -32.54 40.86
C THR C 182 44.99 -32.10 41.97
N GLN D 1 -17.00 12.13 2.00
CA GLN D 1 -16.83 10.91 1.24
C GLN D 1 -16.40 9.79 2.17
N VAL D 2 -15.09 9.50 2.21
CA VAL D 2 -14.57 8.50 3.14
C VAL D 2 -14.81 8.98 4.57
N GLN D 3 -15.47 8.15 5.37
CA GLN D 3 -15.89 8.57 6.69
C GLN D 3 -16.07 7.34 7.57
N LEU D 4 -15.65 7.46 8.82
CA LEU D 4 -15.87 6.45 9.85
C LEU D 4 -16.79 7.04 10.91
N GLN D 5 -17.92 6.38 11.17
CA GLN D 5 -18.90 6.84 12.14
C GLN D 5 -18.85 5.97 13.38
N GLN D 6 -18.76 6.60 14.54
CA GLN D 6 -18.68 5.92 15.82
C GLN D 6 -19.77 6.42 16.76
N PRO D 7 -20.30 5.55 17.61
CA PRO D 7 -21.15 6.03 18.71
C PRO D 7 -20.35 6.90 19.66
N GLY D 8 -20.90 8.06 19.99
CA GLY D 8 -20.09 9.09 20.62
C GLY D 8 -19.72 8.83 22.06
N ALA D 9 -20.52 8.05 22.78
CA ALA D 9 -20.19 7.80 24.19
C ALA D 9 -20.81 6.49 24.66
N GLU D 10 -20.05 5.76 25.47
CA GLU D 10 -20.55 4.58 26.18
C GLU D 10 -20.21 4.74 27.65
N CYS D 11 -21.18 4.47 28.51
CA CYS D 11 -20.99 4.56 29.96
C CYS D 11 -21.35 3.20 30.57
N VAL D 12 -20.38 2.57 31.22
CA VAL D 12 -20.42 1.14 31.48
C VAL D 12 -19.92 0.86 32.90
N LYS D 13 -20.29 -0.31 33.41
CA LYS D 13 -20.04 -0.75 34.77
C LYS D 13 -18.72 -1.52 34.82
N PRO D 14 -18.01 -1.49 35.95
CA PRO D 14 -16.83 -2.34 36.09
C PRO D 14 -17.17 -3.82 35.94
N GLY D 15 -16.20 -4.57 35.45
CA GLY D 15 -16.39 -5.99 35.20
C GLY D 15 -17.27 -6.33 34.03
N ALA D 16 -18.10 -5.38 33.60
CA ALA D 16 -18.93 -5.58 32.41
C ALA D 16 -18.07 -5.61 31.16
N SER D 17 -18.75 -5.69 30.01
CA SER D 17 -18.09 -5.55 28.71
C SER D 17 -18.89 -4.58 27.84
N VAL D 18 -18.19 -3.95 26.90
CA VAL D 18 -18.80 -3.01 25.98
C VAL D 18 -18.37 -3.35 24.56
N LYS D 19 -19.31 -3.29 23.63
CA LYS D 19 -19.04 -3.41 22.20
C LYS D 19 -19.30 -2.07 21.54
N MET D 20 -18.28 -1.55 20.85
CA MET D 20 -18.40 -0.29 20.11
C MET D 20 -18.16 -0.54 18.64
N SER D 21 -18.93 0.15 17.80
CA SER D 21 -18.92 -0.04 16.36
C SER D 21 -18.19 1.10 15.66
N CYS D 22 -17.88 0.87 14.38
CA CYS D 22 -17.25 1.87 13.53
C CYS D 22 -17.78 1.65 12.12
N LYS D 23 -18.82 2.41 11.77
CA LYS D 23 -19.46 2.30 10.46
C LYS D 23 -18.60 2.98 9.40
N ALA D 24 -18.05 2.18 8.49
CA ALA D 24 -17.33 2.71 7.34
C ALA D 24 -18.29 3.12 6.24
N SER D 25 -17.88 4.13 5.47
CA SER D 25 -18.65 4.57 4.32
C SER D 25 -17.73 5.24 3.31
N GLY D 26 -18.15 5.23 2.06
CA GLY D 26 -17.44 5.92 0.99
C GLY D 26 -16.20 5.22 0.48
N TYR D 27 -15.95 3.98 0.88
CA TYR D 27 -14.82 3.23 0.37
C TYR D 27 -15.11 1.74 0.50
N THR D 28 -14.33 0.93 -0.22
CA THR D 28 -14.44 -0.52 -0.16
C THR D 28 -13.96 -1.02 1.20
N PHE D 29 -14.92 -1.23 2.11
CA PHE D 29 -14.62 -1.56 3.50
C PHE D 29 -13.67 -2.75 3.61
N THR D 30 -13.88 -3.79 2.82
CA THR D 30 -13.08 -5.01 2.92
C THR D 30 -11.67 -4.87 2.36
N SER D 31 -11.34 -3.78 1.66
CA SER D 31 -10.04 -3.65 1.03
C SER D 31 -9.01 -2.91 1.89
N TYR D 32 -9.33 -2.58 3.13
CA TYR D 32 -8.43 -1.84 3.99
C TYR D 32 -8.43 -2.42 5.38
N ASN D 33 -7.32 -2.23 6.09
CA ASN D 33 -7.23 -2.59 7.50
C ASN D 33 -7.89 -1.52 8.35
N MET D 34 -8.69 -1.95 9.33
CA MET D 34 -9.28 -1.05 10.31
C MET D 34 -8.54 -1.21 11.63
N HIS D 35 -8.03 -0.10 12.15
CA HIS D 35 -7.22 -0.10 13.36
C HIS D 35 -7.99 0.59 14.48
N TRP D 36 -7.72 0.18 15.71
CA TRP D 36 -8.29 0.81 16.88
C TRP D 36 -7.18 1.41 17.73
N VAL D 37 -7.38 2.64 18.19
CA VAL D 37 -6.37 3.37 18.96
C VAL D 37 -7.01 3.89 20.23
N LYS D 38 -6.38 3.61 21.37
CA LYS D 38 -6.78 4.15 22.65
C LYS D 38 -6.12 5.51 22.86
N GLN D 39 -6.85 6.43 23.49
CA GLN D 39 -6.25 7.66 23.99
C GLN D 39 -6.68 7.91 25.43
N THR D 40 -5.70 8.20 26.28
CA THR D 40 -5.92 8.66 27.65
C THR D 40 -4.92 9.76 27.94
N PRO D 41 -5.31 10.77 28.73
CA PRO D 41 -4.40 11.89 28.99
C PRO D 41 -3.11 11.47 29.69
N GLY D 42 -3.14 10.41 30.48
CA GLY D 42 -1.95 9.92 31.16
C GLY D 42 -1.05 8.99 30.39
N ARG D 43 -1.49 8.52 29.22
CA ARG D 43 -0.73 7.55 28.46
C ARG D 43 -0.62 7.91 26.97
N GLY D 44 -1.25 8.99 26.54
CA GLY D 44 -1.21 9.35 25.13
C GLY D 44 -2.03 8.43 24.27
N LEU D 45 -1.52 8.14 23.08
CA LEU D 45 -2.19 7.29 22.11
C LEU D 45 -1.55 5.91 22.08
N GLU D 46 -2.35 4.88 22.36
CA GLU D 46 -1.91 3.49 22.32
C GLU D 46 -2.67 2.77 21.22
N TRP D 47 -1.94 2.17 20.29
CA TRP D 47 -2.56 1.30 19.31
C TRP D 47 -3.03 0.01 19.97
N ILE D 48 -4.28 -0.35 19.72
CA ILE D 48 -4.88 -1.54 20.33
C ILE D 48 -4.72 -2.76 19.44
N GLY D 49 -4.98 -2.62 18.15
CA GLY D 49 -5.04 -3.75 17.26
C GLY D 49 -5.74 -3.37 15.97
N ALA D 50 -5.77 -4.33 15.05
CA ALA D 50 -6.39 -4.10 13.75
C ALA D 50 -7.11 -5.35 13.30
N ILE D 51 -8.04 -5.17 12.37
CA ILE D 51 -8.70 -6.27 11.68
C ILE D 51 -8.66 -5.97 10.18
N TYR D 52 -8.37 -6.99 9.38
CA TYR D 52 -8.60 -6.90 7.95
C TYR D 52 -9.95 -7.52 7.63
N PRO D 53 -10.97 -6.73 7.28
CA PRO D 53 -12.31 -7.28 7.08
C PRO D 53 -12.43 -8.18 5.85
N GLY D 54 -11.45 -8.15 4.95
CA GLY D 54 -11.49 -8.98 3.76
C GLY D 54 -11.59 -10.47 4.08
N ASN D 55 -10.56 -11.01 4.72
CA ASN D 55 -10.67 -12.35 5.31
C ASN D 55 -11.29 -12.29 6.69
N GLY D 56 -10.65 -11.56 7.61
CA GLY D 56 -11.07 -11.55 8.99
C GLY D 56 -9.90 -11.61 9.95
N ASP D 57 -8.68 -11.58 9.41
CA ASP D 57 -7.49 -11.64 10.23
C ASP D 57 -7.41 -10.47 11.19
N THR D 58 -6.92 -10.73 12.39
CA THR D 58 -6.69 -9.69 13.39
C THR D 58 -5.24 -9.75 13.85
N SER D 59 -4.73 -8.61 14.28
CA SER D 59 -3.54 -8.55 15.12
C SER D 59 -3.79 -7.58 16.27
N TYR D 60 -3.15 -7.87 17.41
CA TYR D 60 -3.41 -7.13 18.63
C TYR D 60 -2.09 -6.68 19.25
N ASN D 61 -2.13 -5.51 19.88
CA ASN D 61 -1.07 -5.13 20.81
C ASN D 61 -1.02 -6.13 21.96
N GLN D 62 0.18 -6.57 22.32
CA GLN D 62 0.32 -7.59 23.36
C GLN D 62 -0.31 -7.14 24.67
N LYS D 63 -0.18 -5.86 25.00
CA LYS D 63 -0.80 -5.35 26.23
C LYS D 63 -2.32 -5.20 26.11
N PHE D 64 -2.92 -5.63 25.01
CA PHE D 64 -4.38 -5.63 24.86
C PHE D 64 -4.93 -6.98 24.42
N LYS D 65 -4.07 -7.97 24.19
CA LYS D 65 -4.45 -9.21 23.52
C LYS D 65 -5.51 -10.02 24.27
N GLY D 66 -5.87 -9.64 25.49
CA GLY D 66 -7.04 -10.23 26.11
C GLY D 66 -8.11 -9.24 26.51
N LYS D 67 -7.82 -7.95 26.35
CA LYS D 67 -8.83 -6.94 26.60
C LYS D 67 -9.76 -6.77 25.41
N ALA D 68 -9.19 -6.51 24.24
CA ALA D 68 -9.95 -6.25 23.04
C ALA D 68 -10.27 -7.53 22.29
N THR D 69 -11.39 -7.52 21.56
CA THR D 69 -11.74 -8.58 20.62
C THR D 69 -12.33 -7.89 19.40
N LEU D 70 -11.54 -7.80 18.34
CA LEU D 70 -11.97 -7.13 17.12
C LEU D 70 -12.77 -8.05 16.22
N THR D 71 -13.87 -7.52 15.67
CA THR D 71 -14.69 -8.23 14.71
C THR D 71 -15.16 -7.24 13.65
N ALA D 72 -15.61 -7.77 12.52
CA ALA D 72 -16.11 -6.93 11.45
C ALA D 72 -17.26 -7.65 10.74
N ASP D 73 -18.24 -6.88 10.31
CA ASP D 73 -19.34 -7.38 9.49
C ASP D 73 -19.17 -6.83 8.08
N LYS D 74 -18.98 -7.72 7.11
CA LYS D 74 -18.85 -7.31 5.71
C LYS D 74 -20.12 -6.65 5.18
N SER D 75 -21.28 -7.04 5.69
CA SER D 75 -22.54 -6.63 5.06
C SER D 75 -22.98 -5.25 5.50
N SER D 76 -23.06 -5.00 6.80
CA SER D 76 -23.28 -3.65 7.29
C SER D 76 -22.06 -2.76 7.14
N SER D 77 -20.91 -3.32 6.77
CA SER D 77 -19.67 -2.56 6.62
C SER D 77 -19.29 -1.85 7.92
N THR D 78 -19.26 -2.64 8.99
CA THR D 78 -19.03 -2.12 10.34
C THR D 78 -17.98 -2.96 11.03
N ALA D 79 -16.95 -2.29 11.55
CA ALA D 79 -16.01 -2.93 12.46
C ALA D 79 -16.50 -2.80 13.90
N TYR D 80 -16.14 -3.77 14.72
CA TYR D 80 -16.49 -3.76 16.13
C TYR D 80 -15.24 -4.03 16.97
N MET D 81 -15.23 -3.48 18.18
CA MET D 81 -14.29 -3.90 19.21
C MET D 81 -15.07 -4.19 20.48
N GLN D 82 -14.87 -5.39 21.04
CA GLN D 82 -15.35 -5.73 22.37
C GLN D 82 -14.22 -5.54 23.37
N LEU D 83 -14.51 -4.87 24.48
CA LEU D 83 -13.60 -4.80 25.61
C LEU D 83 -14.16 -5.63 26.76
N SER D 84 -13.39 -6.61 27.22
CA SER D 84 -13.79 -7.46 28.33
C SER D 84 -13.44 -6.82 29.67
N SER D 85 -14.06 -7.35 30.73
CA SER D 85 -13.54 -7.25 32.10
C SER D 85 -13.20 -5.81 32.49
N LEU D 86 -14.10 -4.89 32.13
CA LEU D 86 -13.76 -3.47 32.12
C LEU D 86 -13.33 -2.98 33.49
N THR D 87 -12.38 -2.05 33.51
CA THR D 87 -11.82 -1.48 34.71
C THR D 87 -11.73 0.03 34.54
N SER D 88 -11.42 0.73 35.64
CA SER D 88 -11.18 2.17 35.57
C SER D 88 -10.16 2.52 34.50
N GLU D 89 -9.14 1.69 34.31
CA GLU D 89 -8.09 2.00 33.35
C GLU D 89 -8.53 1.81 31.91
N ASP D 90 -9.70 1.22 31.67
CA ASP D 90 -10.30 1.19 30.34
C ASP D 90 -11.06 2.45 29.98
N SER D 91 -11.22 3.39 30.91
CA SER D 91 -11.84 4.67 30.58
C SER D 91 -10.94 5.47 29.66
N ALA D 92 -11.43 5.75 28.45
CA ALA D 92 -10.61 6.35 27.40
C ALA D 92 -11.53 6.82 26.28
N VAL D 93 -10.93 7.52 25.32
CA VAL D 93 -11.51 7.72 23.99
C VAL D 93 -10.91 6.67 23.07
N TYR D 94 -11.77 5.94 22.36
CA TYR D 94 -11.34 4.90 21.43
C TYR D 94 -11.65 5.35 20.01
N TYR D 95 -10.61 5.47 19.19
CA TYR D 95 -10.76 5.80 17.78
C TYR D 95 -10.61 4.54 16.95
N CYS D 96 -11.50 4.34 15.99
CA CYS D 96 -11.17 3.53 14.83
C CYS D 96 -10.45 4.39 13.81
N ALA D 97 -9.48 3.79 13.13
CA ALA D 97 -8.74 4.47 12.08
C ALA D 97 -8.45 3.50 10.96
N ARG D 98 -8.51 3.98 9.72
CA ARG D 98 -8.32 3.17 8.55
C ARG D 98 -6.92 3.45 8.02
N SER D 99 -6.10 2.41 7.91
CA SER D 99 -4.75 2.54 7.39
C SER D 99 -4.72 2.23 5.91
N THR D 100 -4.18 3.15 5.13
CA THR D 100 -3.80 2.93 3.74
C THR D 100 -2.28 2.78 3.66
N TYR D 101 -1.82 2.26 2.53
CA TYR D 101 -0.39 2.24 2.21
C TYR D 101 -0.15 3.27 1.12
N TYR D 102 0.71 4.24 1.42
CA TYR D 102 0.68 5.50 0.69
C TYR D 102 1.95 6.29 0.98
N GLY D 103 2.60 6.79 -0.08
CA GLY D 103 3.88 7.45 0.08
C GLY D 103 5.01 6.54 0.51
N GLY D 104 4.84 5.23 0.39
CA GLY D 104 5.84 4.27 0.81
C GLY D 104 5.77 3.84 2.26
N ASP D 105 4.68 4.14 2.98
CA ASP D 105 4.50 3.62 4.32
C ASP D 105 3.00 3.47 4.58
N TRP D 106 2.67 2.77 5.67
CA TRP D 106 1.30 2.76 6.15
C TRP D 106 0.92 4.13 6.71
N TYR D 107 -0.39 4.40 6.72
CA TYR D 107 -0.83 5.77 6.96
C TYR D 107 -2.26 5.77 7.50
N PHE D 108 -2.44 6.24 8.73
CA PHE D 108 -3.78 6.46 9.30
C PHE D 108 -4.41 7.68 8.64
N ASN D 109 -4.92 7.49 7.43
CA ASN D 109 -5.35 8.63 6.62
C ASN D 109 -6.78 9.06 6.88
N VAL D 110 -7.58 8.27 7.60
CA VAL D 110 -8.90 8.71 8.04
C VAL D 110 -9.19 8.14 9.43
N TRP D 111 -9.86 8.94 10.26
CA TRP D 111 -10.10 8.63 11.66
C TRP D 111 -11.58 8.77 11.97
N GLY D 112 -12.07 7.93 12.88
CA GLY D 112 -13.36 8.16 13.47
C GLY D 112 -13.35 9.27 14.50
N ALA D 113 -14.55 9.76 14.81
CA ALA D 113 -14.68 10.82 15.81
C ALA D 113 -14.24 10.37 17.21
N GLY D 114 -14.18 9.06 17.45
CA GLY D 114 -13.88 8.55 18.76
C GLY D 114 -15.11 8.20 19.58
N THR D 115 -15.02 7.13 20.36
CA THR D 115 -16.03 6.79 21.36
C THR D 115 -15.45 7.02 22.75
N CYS D 116 -16.06 7.93 23.50
CA CYS D 116 -15.74 8.09 24.91
C CYS D 116 -16.32 6.94 25.70
N VAL D 117 -15.46 6.15 26.36
CA VAL D 117 -15.87 5.14 27.31
C VAL D 117 -15.40 5.58 28.69
N THR D 118 -16.30 5.55 29.67
CA THR D 118 -15.91 5.65 31.06
C THR D 118 -16.55 4.52 31.86
N VAL D 119 -15.76 3.93 32.75
CA VAL D 119 -16.15 2.75 33.52
C VAL D 119 -16.37 3.20 34.95
N SER D 120 -17.62 3.10 35.43
CA SER D 120 -17.95 3.61 36.75
C SER D 120 -19.14 2.84 37.31
N ALA D 121 -19.13 2.68 38.64
CA ALA D 121 -20.20 1.96 39.32
C ALA D 121 -21.48 2.79 39.39
N ALA D 122 -21.36 4.12 39.53
CA ALA D 122 -22.51 4.96 39.77
C ALA D 122 -23.43 5.03 38.54
N SER D 123 -24.68 5.38 38.79
CA SER D 123 -25.70 5.42 37.76
C SER D 123 -25.66 6.73 36.97
N THR D 124 -26.01 6.62 35.68
CA THR D 124 -25.93 7.71 34.71
C THR D 124 -27.12 8.66 34.91
N LYS D 125 -26.95 9.65 35.79
CA LYS D 125 -27.90 10.74 35.88
C LYS D 125 -27.83 11.61 34.62
N GLY D 126 -29.00 11.94 34.07
CA GLY D 126 -29.09 12.89 32.99
C GLY D 126 -28.98 14.36 33.39
N PRO D 127 -28.52 15.18 32.46
CA PRO D 127 -28.30 16.61 32.76
C PRO D 127 -29.57 17.38 33.05
N SER D 128 -29.42 18.42 33.86
CA SER D 128 -30.42 19.46 34.04
C SER D 128 -29.92 20.74 33.41
N VAL D 129 -30.65 21.25 32.42
CA VAL D 129 -30.16 22.33 31.55
C VAL D 129 -30.89 23.61 31.91
N PHE D 130 -30.11 24.64 32.27
CA PHE D 130 -30.65 25.91 32.76
C PHE D 130 -30.19 27.06 31.87
N PRO D 131 -31.09 28.00 31.57
CA PRO D 131 -30.71 29.15 30.74
C PRO D 131 -29.87 30.18 31.51
N LEU D 132 -28.71 30.52 30.95
CA LEU D 132 -27.98 31.74 31.33
C LEU D 132 -28.55 32.90 30.51
N ALA D 133 -29.69 33.40 30.95
CA ALA D 133 -30.42 34.41 30.18
C ALA D 133 -29.65 35.72 30.13
N PRO D 134 -29.55 36.35 28.97
CA PRO D 134 -28.80 37.59 28.84
C PRO D 134 -29.56 38.80 29.36
N SER D 135 -28.81 39.80 29.81
CA SER D 135 -29.39 41.06 30.25
C SER D 135 -28.30 42.13 30.16
N SER D 136 -28.65 43.35 30.59
CA SER D 136 -27.63 44.37 30.78
C SER D 136 -26.54 43.91 31.73
N LYS D 137 -26.89 43.06 32.70
CA LYS D 137 -25.90 42.36 33.52
C LYS D 137 -24.85 41.67 32.65
N SER D 138 -25.28 41.05 31.55
CA SER D 138 -24.36 40.37 30.63
C SER D 138 -24.20 41.12 29.31
N THR D 139 -24.47 42.42 29.30
CA THR D 139 -24.21 43.26 28.13
C THR D 139 -22.94 44.07 28.36
N SER D 140 -22.12 44.17 27.31
CA SER D 140 -20.89 44.94 27.37
C SER D 140 -20.47 45.29 25.95
N GLY D 141 -20.10 46.55 25.73
CA GLY D 141 -19.58 46.97 24.44
C GLY D 141 -20.52 46.80 23.27
N GLY D 142 -21.82 46.64 23.53
CA GLY D 142 -22.80 46.39 22.51
C GLY D 142 -22.98 44.95 22.10
N THR D 143 -22.10 44.05 22.51
CA THR D 143 -22.41 42.62 22.47
C THR D 143 -23.05 42.19 23.79
N ALA D 144 -23.76 41.07 23.75
CA ALA D 144 -24.26 40.42 24.95
C ALA D 144 -23.93 38.94 24.88
N ALA D 145 -23.56 38.37 26.03
CA ALA D 145 -23.38 36.93 26.15
C ALA D 145 -24.64 36.27 26.68
N LEU D 146 -24.90 35.06 26.20
CA LEU D 146 -25.95 34.20 26.72
C LEU D 146 -25.46 32.76 26.65
N GLY D 147 -26.10 31.89 27.42
CA GLY D 147 -25.64 30.52 27.44
C GLY D 147 -26.63 29.58 28.10
N CYS D 148 -26.19 28.33 28.22
CA CYS D 148 -26.90 27.29 28.96
C CYS D 148 -25.96 26.64 29.95
N LEU D 149 -26.42 26.49 31.18
CA LEU D 149 -25.72 25.69 32.19
C LEU D 149 -26.28 24.28 32.19
N VAL D 150 -25.44 23.31 31.85
CA VAL D 150 -25.85 21.91 31.72
C VAL D 150 -25.39 21.21 33.00
N LYS D 151 -26.22 21.25 34.03
CA LYS D 151 -25.79 20.91 35.38
C LYS D 151 -26.05 19.45 35.72
N ASP D 152 -25.20 18.92 36.61
CA ASP D 152 -25.46 17.69 37.36
C ASP D 152 -25.77 16.47 36.50
N TYR D 153 -25.07 16.33 35.38
CA TYR D 153 -25.12 15.05 34.69
C TYR D 153 -24.04 14.13 35.27
N PHE D 154 -24.12 12.85 34.94
CA PHE D 154 -23.08 11.89 35.33
C PHE D 154 -22.67 11.01 34.16
N CYS D 155 -21.55 10.32 34.37
CA CYS D 155 -20.60 9.82 33.38
C CYS D 155 -19.83 11.00 32.78
N GLU D 156 -18.51 10.92 32.84
CA GLU D 156 -17.66 12.04 32.46
C GLU D 156 -17.81 12.42 30.99
N CYS D 157 -18.14 11.44 30.14
CA CYS D 157 -18.26 11.65 28.70
C CYS D 157 -19.14 12.88 28.43
N PRO D 158 -18.60 13.91 27.78
CA PRO D 158 -19.29 15.20 27.74
C PRO D 158 -20.66 15.12 27.07
N VAL D 159 -21.62 15.84 27.66
CA VAL D 159 -22.81 16.26 26.91
C VAL D 159 -22.38 17.08 25.71
N THR D 160 -22.88 16.69 24.53
CA THR D 160 -22.69 17.50 23.33
C THR D 160 -23.70 18.64 23.31
N VAL D 161 -23.21 19.85 23.10
CA VAL D 161 -24.05 21.05 23.08
C VAL D 161 -23.85 21.77 21.76
N SER D 162 -24.96 22.18 21.15
CA SER D 162 -24.93 22.98 19.93
C SER D 162 -25.95 24.10 20.08
N TRP D 163 -25.83 25.12 19.23
CA TRP D 163 -26.74 26.25 19.24
C TRP D 163 -27.49 26.34 17.92
N ASN D 164 -28.79 26.65 18.02
CA ASN D 164 -29.69 26.70 16.86
C ASN D 164 -29.51 25.49 15.96
N SER D 165 -29.43 24.31 16.57
CA SER D 165 -29.26 23.04 15.86
C SER D 165 -28.00 23.02 15.00
N GLY D 166 -26.98 23.78 15.40
CA GLY D 166 -25.75 23.87 14.66
C GLY D 166 -25.65 25.06 13.73
N ALA D 167 -26.74 25.80 13.52
CA ALA D 167 -26.71 26.97 12.66
C ALA D 167 -25.95 28.13 13.28
N LEU D 168 -25.68 28.11 14.57
CA LEU D 168 -24.90 29.15 15.24
C LEU D 168 -23.62 28.54 15.76
N THR D 169 -22.48 29.03 15.28
CA THR D 169 -21.18 28.48 15.63
C THR D 169 -20.11 29.52 15.93
N SER D 170 -20.19 30.72 15.36
CA SER D 170 -19.28 31.79 15.76
C SER D 170 -19.60 32.27 17.16
N GLY D 171 -18.55 32.61 17.92
CA GLY D 171 -18.70 33.08 19.28
C GLY D 171 -19.15 32.05 20.29
N VAL D 172 -19.35 30.80 19.88
CA VAL D 172 -19.75 29.75 20.82
C VAL D 172 -18.52 29.24 21.56
N HIS D 173 -18.57 29.28 22.88
CA HIS D 173 -17.57 28.63 23.73
C HIS D 173 -18.27 27.60 24.60
N THR D 174 -17.82 26.35 24.50
CA THR D 174 -18.28 25.29 25.39
C THR D 174 -17.11 24.90 26.29
N PHE D 175 -17.32 25.00 27.57
CA PHE D 175 -16.24 24.81 28.54
C PHE D 175 -16.07 23.34 28.88
N PRO D 176 -14.86 22.95 29.26
CA PRO D 176 -14.68 21.63 29.90
C PRO D 176 -15.58 21.45 31.10
N ALA D 177 -16.13 20.24 31.23
CA ALA D 177 -16.96 19.92 32.37
C ALA D 177 -16.13 19.86 33.66
N VAL D 178 -16.71 20.34 34.75
CA VAL D 178 -16.09 20.26 36.07
C VAL D 178 -16.78 19.17 36.88
N LEU D 179 -15.99 18.30 37.48
CA LEU D 179 -16.48 17.41 38.52
C LEU D 179 -16.79 18.21 39.78
N GLN D 180 -18.04 18.13 40.24
CA GLN D 180 -18.44 18.84 41.43
C GLN D 180 -18.18 18.01 42.69
N SER D 181 -18.25 18.67 43.84
CA SER D 181 -18.20 17.98 45.12
C SER D 181 -19.35 17.00 45.32
N SER D 182 -20.43 17.15 44.56
CA SER D 182 -21.50 16.15 44.56
C SER D 182 -21.14 14.89 43.78
N GLY D 183 -19.98 14.86 43.13
CA GLY D 183 -19.62 13.76 42.26
C GLY D 183 -20.26 13.79 40.89
N LEU D 184 -21.18 14.72 40.64
CA LEU D 184 -21.77 14.87 39.32
C LEU D 184 -21.00 15.91 38.53
N TYR D 185 -21.08 15.80 37.21
CA TYR D 185 -20.41 16.73 36.32
C TYR D 185 -21.35 17.87 35.94
N SER D 186 -20.79 19.07 35.83
CA SER D 186 -21.50 20.21 35.27
C SER D 186 -20.70 20.82 34.12
N LEU D 187 -21.44 21.33 33.14
CA LEU D 187 -20.84 22.01 32.00
C LEU D 187 -21.65 23.28 31.75
N SER D 188 -21.03 24.25 31.10
CA SER D 188 -21.78 25.36 30.53
C SER D 188 -21.25 25.67 29.14
N SER D 189 -22.13 26.22 28.31
CA SER D 189 -21.79 26.69 26.97
C SER D 189 -22.36 28.09 26.81
N VAL D 190 -21.58 28.98 26.20
CA VAL D 190 -21.98 30.38 26.05
C VAL D 190 -21.74 30.79 24.61
N VAL D 191 -22.49 31.81 24.19
CA VAL D 191 -22.30 32.45 22.89
C VAL D 191 -22.42 33.96 23.09
N THR D 192 -21.59 34.70 22.37
CA THR D 192 -21.65 36.16 22.38
C THR D 192 -22.26 36.64 21.06
N VAL D 193 -23.23 37.53 21.16
CA VAL D 193 -24.05 37.93 20.01
C VAL D 193 -24.25 39.44 20.05
N PRO D 194 -24.63 40.04 18.92
CA PRO D 194 -25.02 41.45 18.94
C PRO D 194 -26.25 41.67 19.81
N SER D 195 -26.13 42.62 20.75
CA SER D 195 -27.21 42.85 21.70
C SER D 195 -28.52 43.23 21.03
N SER D 196 -28.44 43.90 19.88
CA SER D 196 -29.66 44.20 19.12
C SER D 196 -30.35 42.94 18.64
N SER D 197 -29.60 41.86 18.40
CA SER D 197 -30.19 40.63 17.92
C SER D 197 -31.11 39.97 18.94
N LEU D 198 -30.94 40.27 20.23
CA LEU D 198 -31.67 39.55 21.27
C LEU D 198 -33.17 39.71 21.17
N GLY D 199 -33.65 40.80 20.55
CA GLY D 199 -35.06 40.99 20.33
C GLY D 199 -35.66 40.09 19.27
N THR D 200 -35.18 40.24 18.03
CA THR D 200 -35.78 39.53 16.90
C THR D 200 -35.37 38.07 16.85
N GLN D 201 -34.11 37.76 17.16
CA GLN D 201 -33.66 36.39 17.15
C GLN D 201 -34.05 35.65 18.41
N THR D 202 -34.34 34.36 18.27
CA THR D 202 -34.47 33.43 19.38
C THR D 202 -33.30 32.45 19.34
N TYR D 203 -32.59 32.32 20.45
CA TYR D 203 -31.46 31.42 20.54
C TYR D 203 -31.84 30.15 21.28
N ILE D 204 -31.63 29.00 20.65
CA ILE D 204 -31.87 27.69 21.22
C ILE D 204 -30.52 27.04 21.47
N CYS D 205 -30.30 26.54 22.68
CA CYS D 205 -29.22 25.61 22.96
C CYS D 205 -29.78 24.19 22.93
N ASN D 206 -29.16 23.33 22.12
CA ASN D 206 -29.53 21.93 22.05
C ASN D 206 -28.52 21.11 22.86
N VAL D 207 -29.00 20.44 23.89
CA VAL D 207 -28.19 19.58 24.73
C VAL D 207 -28.58 18.14 24.43
N ASN D 208 -27.58 17.27 24.29
CA ASN D 208 -27.83 15.85 24.07
C ASN D 208 -26.90 15.06 24.98
N HIS D 209 -27.45 14.05 25.64
CA HIS D 209 -26.69 13.14 26.49
C HIS D 209 -27.11 11.73 26.09
N LYS D 210 -26.43 11.17 25.09
CA LYS D 210 -26.66 9.80 24.66
C LYS D 210 -26.66 8.80 25.82
N PRO D 211 -25.74 8.85 26.79
CA PRO D 211 -25.75 7.83 27.86
C PRO D 211 -27.06 7.76 28.63
N SER D 212 -27.87 8.81 28.65
CA SER D 212 -29.20 8.74 29.21
C SER D 212 -30.28 9.16 28.21
N ASN D 213 -29.97 9.09 26.92
CA ASN D 213 -30.87 9.51 25.84
C ASN D 213 -31.46 10.91 26.06
N THR D 214 -30.80 11.75 26.86
CA THR D 214 -31.39 13.00 27.32
C THR D 214 -31.11 14.08 26.28
N LYS D 215 -31.96 14.12 25.25
CA LYS D 215 -32.02 15.26 24.36
C LYS D 215 -32.83 16.37 25.00
N VAL D 216 -32.28 17.59 25.04
CA VAL D 216 -32.96 18.74 25.62
C VAL D 216 -32.72 19.95 24.72
N ASP D 217 -33.70 20.85 24.70
CA ASP D 217 -33.57 22.16 24.08
C ASP D 217 -34.10 23.20 25.06
N LYS D 218 -33.41 24.34 25.16
CA LYS D 218 -33.88 25.44 25.97
C LYS D 218 -33.82 26.74 25.18
N LYS D 219 -34.79 27.60 25.44
CA LYS D 219 -34.90 28.90 24.80
C LYS D 219 -34.33 29.94 25.76
N VAL D 220 -33.35 30.71 25.30
CA VAL D 220 -32.59 31.62 26.16
C VAL D 220 -32.76 33.03 25.60
N GLU D 221 -33.29 33.92 26.43
CA GLU D 221 -33.65 35.27 25.98
C GLU D 221 -34.00 36.16 27.15
N PRO D 222 -33.84 37.48 27.02
CA PRO D 222 -34.15 38.38 28.14
C PRO D 222 -35.64 38.60 28.35
N LYS D 223 -36.49 38.03 27.48
CA LYS D 223 -37.91 37.95 27.75
C LYS D 223 -38.23 37.15 29.01
N SER D 224 -37.28 36.37 29.52
CA SER D 224 -37.23 36.03 30.93
C SER D 224 -36.13 36.81 31.61
N CYS D 225 -36.44 37.36 32.77
CA CYS D 225 -35.44 37.92 33.67
C CYS D 225 -34.41 36.88 34.08
N MET E 9 50.03 -38.83 6.45
CA MET E 9 50.92 -38.32 7.48
C MET E 9 50.71 -39.14 8.76
N ARG E 10 51.70 -39.12 9.65
CA ARG E 10 51.60 -39.87 10.90
C ARG E 10 50.48 -39.34 11.79
N GLU E 11 50.20 -38.03 11.73
CA GLU E 11 49.12 -37.41 12.49
C GLU E 11 47.73 -37.91 12.09
N SER E 12 47.63 -39.09 11.46
CA SER E 12 46.37 -39.51 10.85
C SER E 12 45.25 -39.69 11.87
N LYS E 13 45.58 -39.92 13.14
CA LYS E 13 44.57 -39.84 14.20
C LYS E 13 44.03 -38.42 14.35
N THR E 14 44.93 -37.44 14.53
CA THR E 14 44.54 -36.05 14.58
C THR E 14 43.82 -35.59 13.31
N LEU E 15 44.22 -36.12 12.16
CA LEU E 15 43.57 -35.77 10.90
C LEU E 15 42.20 -36.43 10.72
N GLY E 16 42.04 -37.68 11.18
CA GLY E 16 40.73 -38.32 11.06
C GLY E 16 39.64 -37.64 11.86
N ALA E 17 39.98 -37.07 13.02
CA ALA E 17 39.05 -36.22 13.76
C ALA E 17 38.64 -35.00 12.96
N VAL E 18 39.62 -34.32 12.34
CA VAL E 18 39.34 -33.16 11.50
C VAL E 18 38.35 -33.49 10.38
N GLN E 19 38.52 -34.64 9.73
CA GLN E 19 37.57 -35.04 8.69
C GLN E 19 36.17 -35.23 9.25
N ILE E 20 36.05 -35.91 10.39
CA ILE E 20 34.75 -36.10 11.02
C ILE E 20 34.10 -34.77 11.37
N MET E 21 34.87 -33.86 11.96
CA MET E 21 34.33 -32.55 12.30
C MET E 21 33.90 -31.75 11.07
N ASN E 22 34.72 -31.78 10.00
CA ASN E 22 34.28 -31.20 8.74
C ASN E 22 33.00 -31.84 8.21
N GLY E 23 32.79 -33.13 8.46
CA GLY E 23 31.54 -33.75 8.08
C GLY E 23 30.34 -33.21 8.85
N LEU E 24 30.45 -33.16 10.18
CA LEU E 24 29.38 -32.65 11.01
C LEU E 24 29.07 -31.18 10.72
N PHE E 25 30.10 -30.37 10.50
CA PHE E 25 29.88 -28.97 10.13
C PHE E 25 29.11 -28.84 8.82
N HIS E 26 29.45 -29.66 7.82
CA HIS E 26 28.67 -29.66 6.58
C HIS E 26 27.21 -30.06 6.81
N ILE E 27 26.98 -31.11 7.60
CA ILE E 27 25.62 -31.53 7.89
C ILE E 27 24.84 -30.43 8.60
N ALA E 28 25.48 -29.78 9.58
CA ALA E 28 24.82 -28.67 10.28
C ALA E 28 24.54 -27.49 9.36
N LEU E 29 25.54 -27.09 8.57
CA LEU E 29 25.32 -26.05 7.57
C LEU E 29 24.27 -26.45 6.54
N GLY E 30 24.22 -27.73 6.19
CA GLY E 30 23.19 -28.18 5.26
C GLY E 30 21.79 -28.06 5.82
N GLY E 31 21.57 -28.58 7.04
CA GLY E 31 20.27 -28.43 7.67
C GLY E 31 19.88 -26.97 7.86
N LEU E 32 20.86 -26.13 8.23
CA LEU E 32 20.62 -24.70 8.32
C LEU E 32 20.30 -24.09 6.96
N LEU E 33 21.03 -24.48 5.93
CA LEU E 33 20.77 -24.00 4.58
C LEU E 33 19.50 -24.57 3.97
N MET E 34 18.98 -25.67 4.53
CA MET E 34 17.68 -26.22 4.17
C MET E 34 16.52 -25.58 4.92
N ILE E 35 16.79 -24.65 5.83
CA ILE E 35 15.70 -23.89 6.46
C ILE E 35 14.93 -23.12 5.39
N PRO E 36 13.59 -23.20 5.38
CA PRO E 36 12.78 -22.53 4.34
C PRO E 36 13.20 -21.10 4.04
N ALA E 37 13.49 -20.84 2.77
CA ALA E 37 13.93 -19.53 2.32
C ALA E 37 13.41 -19.12 0.96
N GLY E 38 12.56 -19.93 0.32
CA GLY E 38 11.89 -19.48 -0.87
C GLY E 38 11.90 -20.45 -2.02
N ILE E 39 11.52 -19.91 -3.18
CA ILE E 39 11.30 -20.70 -4.39
C ILE E 39 12.54 -21.46 -4.80
N TYR E 40 13.66 -20.75 -4.92
CA TYR E 40 14.92 -21.34 -5.34
C TYR E 40 15.86 -21.55 -4.16
N ALA E 41 16.50 -22.71 -4.14
CA ALA E 41 17.56 -23.06 -3.21
C ALA E 41 18.91 -22.94 -3.87
N PRO E 42 20.00 -22.92 -3.09
CA PRO E 42 21.32 -23.20 -3.65
C PRO E 42 21.44 -24.61 -4.19
N ILE E 43 22.28 -24.75 -5.23
CA ILE E 43 22.56 -26.04 -5.85
C ILE E 43 23.05 -27.05 -4.81
N CYS E 44 23.86 -26.58 -3.85
CA CYS E 44 24.34 -27.43 -2.77
C CYS E 44 23.21 -28.15 -2.05
N VAL E 45 22.09 -27.47 -1.84
CA VAL E 45 20.95 -28.09 -1.18
C VAL E 45 20.31 -29.14 -2.08
N THR E 46 20.06 -28.80 -3.34
CA THR E 46 19.36 -29.73 -4.23
C THR E 46 20.25 -30.87 -4.70
N VAL E 47 21.56 -30.66 -4.77
CA VAL E 47 22.49 -31.78 -4.90
C VAL E 47 22.60 -32.59 -3.60
N TRP E 48 22.07 -32.06 -2.50
CA TRP E 48 22.21 -32.65 -1.17
C TRP E 48 23.66 -32.81 -0.74
N TYR E 49 24.57 -32.03 -1.34
CA TYR E 49 26.00 -32.14 -1.03
C TYR E 49 26.30 -32.18 0.47
N PRO E 50 25.78 -31.27 1.31
CA PRO E 50 26.15 -31.33 2.73
C PRO E 50 25.72 -32.59 3.44
N LEU E 51 24.67 -33.27 2.97
CA LEU E 51 24.28 -34.54 3.58
C LEU E 51 25.22 -35.66 3.15
N TRP E 52 25.23 -35.99 1.86
CA TRP E 52 26.06 -37.10 1.40
C TRP E 52 27.54 -36.77 1.49
N GLY E 53 27.91 -35.53 1.20
CA GLY E 53 29.31 -35.13 1.36
C GLY E 53 29.75 -35.08 2.80
N GLY E 54 28.88 -34.62 3.69
CA GLY E 54 29.18 -34.62 5.11
C GLY E 54 29.42 -36.01 5.68
N ILE E 55 28.50 -36.94 5.43
CA ILE E 55 28.67 -38.30 5.93
C ILE E 55 29.84 -39.01 5.27
N MET E 56 30.20 -38.64 4.03
CA MET E 56 31.41 -39.19 3.43
C MET E 56 32.66 -38.77 4.20
N TYR E 57 32.69 -37.55 4.72
CA TYR E 57 33.81 -37.14 5.56
C TYR E 57 33.77 -37.78 6.93
N ILE E 58 32.59 -38.20 7.41
CA ILE E 58 32.49 -39.08 8.56
C ILE E 58 33.06 -40.47 8.23
N ILE E 59 32.78 -40.96 7.03
CA ILE E 59 33.14 -42.33 6.68
C ILE E 59 34.63 -42.47 6.45
N SER E 60 35.27 -41.44 5.89
CA SER E 60 36.73 -41.42 5.84
C SER E 60 37.38 -41.36 7.22
N GLY E 61 36.62 -41.06 8.27
CA GLY E 61 36.96 -41.44 9.63
C GLY E 61 37.24 -42.91 9.88
N SER E 62 36.95 -43.76 8.90
CA SER E 62 37.46 -45.14 8.90
C SER E 62 38.96 -45.21 9.13
N LEU E 63 39.72 -44.22 8.68
CA LEU E 63 41.17 -44.24 8.87
C LEU E 63 41.59 -44.01 10.32
N LEU E 64 40.67 -43.58 11.19
CA LEU E 64 40.96 -43.61 12.63
C LEU E 64 41.16 -45.03 13.14
N ALA E 65 40.49 -46.01 12.55
CA ALA E 65 40.80 -47.42 12.78
C ALA E 65 42.04 -47.81 11.98
N ALA E 66 43.17 -47.25 12.41
CA ALA E 66 44.44 -47.49 11.75
C ALA E 66 44.94 -48.91 12.00
N VAL E 76 43.34 -51.73 3.61
CA VAL E 76 42.59 -52.53 2.65
C VAL E 76 42.10 -51.65 1.51
N LYS E 77 41.90 -52.26 0.33
CA LYS E 77 41.58 -51.51 -0.87
C LYS E 77 40.30 -50.70 -0.73
N GLY E 78 39.41 -51.07 0.19
CA GLY E 78 38.27 -50.21 0.49
C GLY E 78 38.69 -48.82 0.96
N LYS E 79 39.67 -48.73 1.84
CA LYS E 79 40.08 -47.45 2.40
C LYS E 79 40.69 -46.56 1.32
N MET E 80 41.47 -47.14 0.41
CA MET E 80 41.95 -46.40 -0.75
C MET E 80 40.78 -45.85 -1.56
N ILE E 81 39.71 -46.63 -1.68
CA ILE E 81 38.51 -46.17 -2.38
C ILE E 81 37.78 -45.12 -1.55
N MET E 82 37.66 -45.34 -0.25
CA MET E 82 36.98 -44.39 0.63
C MET E 82 37.68 -43.03 0.63
N ASN E 83 39.01 -43.03 0.75
CA ASN E 83 39.75 -41.77 0.69
C ASN E 83 39.60 -41.09 -0.66
N SER E 84 39.73 -41.87 -1.75
CA SER E 84 39.57 -41.29 -3.08
C SER E 84 38.14 -40.81 -3.31
N LEU E 85 37.15 -41.55 -2.81
CA LEU E 85 35.76 -41.11 -2.91
C LEU E 85 35.54 -39.82 -2.13
N SER E 86 36.15 -39.69 -0.95
CA SER E 86 36.03 -38.46 -0.18
C SER E 86 36.68 -37.27 -0.87
N LEU E 87 37.75 -37.50 -1.62
CA LEU E 87 38.39 -36.41 -2.36
C LEU E 87 37.49 -35.86 -3.46
N PHE E 88 36.77 -36.75 -4.16
CA PHE E 88 35.78 -36.29 -5.13
C PHE E 88 34.70 -35.45 -4.48
N ALA E 89 34.23 -35.86 -3.30
CA ALA E 89 33.22 -35.08 -2.58
C ALA E 89 33.74 -33.68 -2.23
N ALA E 90 34.96 -33.61 -1.70
CA ALA E 90 35.54 -32.31 -1.34
C ALA E 90 35.66 -31.40 -2.55
N ILE E 91 36.25 -31.91 -3.64
CA ILE E 91 36.39 -31.13 -4.87
C ILE E 91 35.02 -30.68 -5.39
N SER E 92 34.08 -31.63 -5.50
CA SER E 92 32.77 -31.30 -6.03
C SER E 92 32.03 -30.31 -5.13
N GLY E 93 32.18 -30.44 -3.82
CA GLY E 93 31.59 -29.47 -2.92
C GLY E 93 32.18 -28.08 -3.06
N MET E 94 33.51 -27.99 -3.19
CA MET E 94 34.15 -26.69 -3.39
C MET E 94 33.71 -26.05 -4.70
N ILE E 95 33.52 -26.86 -5.75
CA ILE E 95 32.98 -26.33 -7.01
C ILE E 95 31.53 -25.90 -6.84
N LEU E 96 30.72 -26.73 -6.19
CA LEU E 96 29.31 -26.40 -6.01
C LEU E 96 29.10 -25.12 -5.20
N SER E 97 29.89 -24.92 -4.14
CA SER E 97 29.76 -23.71 -3.35
C SER E 97 30.30 -22.49 -4.07
N ILE E 98 31.33 -22.64 -4.89
CA ILE E 98 31.73 -21.55 -5.80
C ILE E 98 30.59 -21.18 -6.72
N MET E 99 29.94 -22.17 -7.32
CA MET E 99 28.84 -21.93 -8.26
C MET E 99 27.71 -21.15 -7.61
N ASP E 100 27.29 -21.56 -6.40
CA ASP E 100 26.18 -20.89 -5.73
C ASP E 100 26.48 -19.46 -5.33
N ILE E 101 27.72 -19.14 -4.95
CA ILE E 101 28.07 -17.75 -4.67
C ILE E 101 27.94 -16.88 -5.91
N LEU E 102 28.35 -17.42 -7.07
CA LEU E 102 28.12 -16.73 -8.33
C LEU E 102 26.63 -16.74 -8.70
N ASN E 103 25.96 -17.85 -8.41
CA ASN E 103 24.51 -17.94 -8.60
C ASN E 103 23.78 -16.85 -7.84
N ILE E 104 24.25 -16.52 -6.63
CA ILE E 104 23.65 -15.47 -5.82
C ILE E 104 24.06 -14.07 -6.26
N LYS E 105 25.34 -13.85 -6.58
CA LYS E 105 25.84 -12.48 -6.69
C LYS E 105 26.21 -11.97 -8.08
N ILE E 106 26.22 -12.80 -9.12
CA ILE E 106 26.40 -12.29 -10.47
C ILE E 106 25.24 -12.65 -11.39
N SER E 107 24.71 -13.87 -11.29
CA SER E 107 23.61 -14.29 -12.14
C SER E 107 23.01 -15.60 -11.68
N HIS E 108 21.69 -15.64 -11.49
CA HIS E 108 21.03 -16.88 -11.11
C HIS E 108 20.94 -17.79 -12.33
N PHE E 109 22.07 -18.43 -12.64
CA PHE E 109 22.22 -19.18 -13.88
C PHE E 109 21.68 -20.60 -13.79
N LEU E 110 21.55 -21.17 -12.60
CA LEU E 110 21.06 -22.53 -12.42
C LEU E 110 19.94 -22.53 -11.38
N LYS E 111 18.69 -22.56 -11.87
CA LYS E 111 17.51 -22.24 -11.08
C LYS E 111 16.97 -23.49 -10.39
N MET E 112 17.74 -23.98 -9.43
CA MET E 112 17.42 -25.18 -8.67
C MET E 112 16.15 -24.97 -7.85
N GLU E 113 15.08 -25.64 -8.27
CA GLU E 113 13.71 -25.41 -7.81
C GLU E 113 13.46 -25.85 -6.36
N SER E 114 14.52 -25.95 -5.56
CA SER E 114 14.44 -26.27 -4.13
C SER E 114 13.70 -27.60 -3.90
N LEU E 115 13.03 -27.72 -2.76
CA LEU E 115 12.26 -28.89 -2.40
C LEU E 115 10.88 -28.48 -1.93
N ASN E 116 9.85 -29.17 -2.43
CA ASN E 116 8.47 -28.74 -2.22
C ASN E 116 8.05 -28.78 -0.75
N PHE E 117 8.63 -29.69 0.05
CA PHE E 117 8.37 -29.67 1.49
C PHE E 117 9.07 -28.52 2.19
N ILE E 118 10.00 -27.84 1.53
CA ILE E 118 10.61 -26.62 2.05
C ILE E 118 9.92 -25.37 1.49
N ARG E 119 9.55 -25.41 0.21
CA ARG E 119 8.74 -24.34 -0.39
C ARG E 119 7.40 -24.17 0.30
N ALA E 120 6.85 -25.25 0.87
CA ALA E 120 5.56 -25.17 1.55
C ALA E 120 5.52 -24.05 2.60
N HIS E 121 6.62 -23.83 3.31
CA HIS E 121 6.67 -22.75 4.28
C HIS E 121 7.09 -21.40 3.69
N THR E 122 7.57 -21.37 2.45
CA THR E 122 8.02 -20.13 1.81
C THR E 122 7.56 -20.06 0.36
N PRO E 123 6.24 -20.17 0.12
CA PRO E 123 5.77 -20.44 -1.24
C PRO E 123 5.72 -19.23 -2.16
N TYR E 124 5.86 -18.01 -1.63
CA TYR E 124 5.59 -16.79 -2.39
C TYR E 124 6.80 -15.86 -2.41
N ILE E 125 8.01 -16.41 -2.38
CA ILE E 125 9.15 -15.63 -1.94
C ILE E 125 10.43 -16.12 -2.61
N ASN E 126 11.36 -15.19 -2.82
CA ASN E 126 12.62 -15.47 -3.51
C ASN E 126 13.69 -14.54 -2.97
N ILE E 127 14.95 -14.97 -3.09
CA ILE E 127 16.08 -14.23 -2.55
C ILE E 127 17.14 -14.01 -3.62
N TYR E 128 16.94 -14.63 -4.79
CA TYR E 128 17.78 -14.40 -5.96
C TYR E 128 17.43 -13.11 -6.72
N ASN E 129 16.32 -12.45 -6.40
CA ASN E 129 16.19 -11.03 -6.66
C ASN E 129 15.54 -10.35 -5.47
N CYS E 130 16.07 -9.17 -5.11
CA CYS E 130 15.50 -8.38 -4.03
C CYS E 130 15.27 -6.92 -4.38
N GLU E 131 15.56 -6.51 -5.61
CA GLU E 131 15.12 -5.20 -6.07
C GLU E 131 13.60 -5.18 -6.15
N PRO E 132 12.92 -4.26 -5.48
CA PRO E 132 11.46 -4.19 -5.63
C PRO E 132 11.07 -3.62 -6.99
N ALA E 133 10.00 -4.18 -7.56
CA ALA E 133 9.40 -3.62 -8.76
C ALA E 133 8.81 -2.24 -8.53
N ASN E 134 8.59 -1.85 -7.28
CA ASN E 134 8.07 -0.54 -6.94
C ASN E 134 9.13 0.26 -6.22
N PRO E 135 9.75 1.25 -6.87
CA PRO E 135 10.96 1.86 -6.31
C PRO E 135 10.75 2.55 -4.97
N SER E 136 9.53 2.95 -4.64
CA SER E 136 9.25 3.43 -3.29
C SER E 136 9.67 2.43 -2.24
N GLU E 137 9.59 1.13 -2.53
CA GLU E 137 9.90 0.08 -1.57
C GLU E 137 11.39 -0.16 -1.38
N LYS E 138 12.26 0.54 -2.11
CA LYS E 138 13.70 0.40 -1.88
C LYS E 138 14.07 0.74 -0.43
N ASN E 139 13.32 1.64 0.20
CA ASN E 139 13.53 1.98 1.59
C ASN E 139 12.88 0.99 2.55
N SER E 140 11.98 0.15 2.05
CA SER E 140 11.05 -0.56 2.90
C SER E 140 11.75 -1.66 3.71
N PRO E 141 11.29 -1.89 4.94
CA PRO E 141 11.68 -3.10 5.67
C PRO E 141 11.58 -4.40 4.87
N SER E 142 10.53 -4.54 4.04
CA SER E 142 10.40 -5.74 3.22
C SER E 142 11.65 -5.99 2.37
N THR E 143 12.26 -4.92 1.87
CA THR E 143 13.42 -5.06 1.01
C THR E 143 14.67 -5.41 1.81
N GLN E 144 14.81 -4.80 3.00
CA GLN E 144 15.90 -5.14 3.91
C GLN E 144 15.84 -6.59 4.38
N TYR E 145 14.63 -7.12 4.63
CA TYR E 145 14.50 -8.54 4.92
C TYR E 145 15.02 -9.43 3.79
N CYS E 146 14.67 -9.10 2.54
CA CYS E 146 15.14 -9.90 1.41
C CYS E 146 16.66 -9.90 1.32
N TYR E 147 17.28 -8.72 1.37
CA TYR E 147 18.74 -8.63 1.33
C TYR E 147 19.41 -9.26 2.54
N SER E 148 18.73 -9.31 3.69
CA SER E 148 19.26 -10.03 4.83
C SER E 148 19.39 -11.53 4.56
N ILE E 149 18.35 -12.15 3.98
CA ILE E 149 18.42 -13.58 3.70
C ILE E 149 19.44 -13.88 2.62
N GLN E 150 19.46 -13.07 1.56
CA GLN E 150 20.50 -13.19 0.55
C GLN E 150 21.90 -13.08 1.12
N SER E 151 22.11 -12.16 2.07
CA SER E 151 23.41 -12.06 2.73
C SER E 151 23.71 -13.26 3.63
N LEU E 152 22.69 -13.78 4.33
CA LEU E 152 22.89 -15.00 5.11
C LEU E 152 23.24 -16.19 4.25
N PHE E 153 22.56 -16.37 3.11
CA PHE E 153 22.90 -17.48 2.22
C PHE E 153 24.29 -17.34 1.63
N LEU E 154 24.67 -16.13 1.21
CA LEU E 154 26.06 -15.88 0.83
C LEU E 154 27.02 -16.23 1.96
N GLY E 155 26.67 -15.86 3.20
CA GLY E 155 27.48 -16.23 4.35
C GLY E 155 27.60 -17.73 4.57
N ILE E 156 26.46 -18.43 4.59
CA ILE E 156 26.46 -19.88 4.79
C ILE E 156 27.24 -20.58 3.68
N LEU E 157 27.07 -20.15 2.43
CA LEU E 157 27.77 -20.81 1.33
C LEU E 157 29.27 -20.59 1.39
N SER E 158 29.71 -19.37 1.71
CA SER E 158 31.14 -19.10 1.78
C SER E 158 31.77 -19.75 3.01
N VAL E 159 31.02 -19.93 4.09
CA VAL E 159 31.50 -20.74 5.20
C VAL E 159 31.59 -22.21 4.81
N MET E 160 30.58 -22.73 4.12
CA MET E 160 30.64 -24.10 3.62
C MET E 160 31.78 -24.30 2.62
N LEU E 161 32.04 -23.29 1.79
CA LEU E 161 33.16 -23.38 0.84
C LEU E 161 34.50 -23.50 1.55
N ILE E 162 34.76 -22.61 2.52
CA ILE E 162 36.08 -22.60 3.17
C ILE E 162 36.33 -23.87 3.98
N PHE E 163 35.29 -24.49 4.52
CA PHE E 163 35.43 -25.84 5.08
C PHE E 163 35.51 -26.93 4.02
N ALA E 164 34.81 -26.78 2.90
CA ALA E 164 35.00 -27.71 1.78
C ALA E 164 36.42 -27.64 1.23
N PHE E 165 37.00 -26.44 1.18
CA PHE E 165 38.40 -26.30 0.81
C PHE E 165 39.32 -26.92 1.86
N PHE E 166 38.95 -26.82 3.13
CA PHE E 166 39.72 -27.45 4.21
C PHE E 166 39.79 -28.95 4.05
N GLN E 167 38.71 -29.59 3.59
CA GLN E 167 38.75 -31.02 3.29
C GLN E 167 39.75 -31.35 2.20
N GLU E 168 39.78 -30.58 1.12
CA GLU E 168 40.72 -30.84 0.04
C GLU E 168 42.16 -30.86 0.54
N LEU E 169 42.55 -29.89 1.36
CA LEU E 169 43.90 -29.86 1.91
C LEU E 169 44.24 -31.12 2.69
N VAL E 170 43.36 -31.57 3.59
CA VAL E 170 43.69 -32.72 4.42
C VAL E 170 43.60 -34.04 3.65
N ILE E 171 42.65 -34.15 2.71
CA ILE E 171 42.57 -35.37 1.91
C ILE E 171 43.75 -35.45 0.94
N ALA E 172 44.18 -34.31 0.40
CA ALA E 172 45.42 -34.27 -0.38
C ALA E 172 46.60 -34.77 0.43
N GLY E 173 46.74 -34.30 1.68
CA GLY E 173 47.78 -34.79 2.55
C GLY E 173 47.72 -36.28 2.89
N ILE E 174 46.72 -36.98 2.36
CA ILE E 174 46.57 -38.41 2.56
C ILE E 174 46.70 -39.14 1.23
N VAL E 175 45.87 -38.76 0.25
CA VAL E 175 45.80 -39.48 -1.02
C VAL E 175 47.06 -39.25 -1.85
N GLU E 176 47.73 -38.11 -1.65
CA GLU E 176 49.07 -37.96 -2.22
C GLU E 176 50.03 -39.04 -1.72
N ASN E 177 49.84 -39.51 -0.48
CA ASN E 177 50.60 -40.65 0.02
C ASN E 177 49.99 -42.00 -0.36
N GLU E 178 48.67 -42.07 -0.50
CA GLU E 178 48.01 -43.34 -0.82
C GLU E 178 48.55 -43.93 -2.13
N TRP E 179 48.43 -43.18 -3.22
CA TRP E 179 48.79 -43.74 -4.52
C TRP E 179 50.30 -43.87 -4.71
N LYS E 180 51.09 -43.05 -4.01
CA LYS E 180 52.53 -43.28 -4.00
C LYS E 180 52.92 -44.47 -3.14
N ARG E 181 52.08 -44.86 -2.18
CA ARG E 181 52.21 -46.16 -1.52
C ARG E 181 51.60 -47.31 -2.33
N THR E 182 50.91 -47.01 -3.43
CA THR E 182 50.17 -48.01 -4.19
C THR E 182 50.14 -47.65 -5.67
N GLN F 1 7.74 -2.47 19.12
CA GLN F 1 7.84 -1.70 20.35
C GLN F 1 9.02 -0.73 20.28
N ILE F 2 8.72 0.53 19.96
CA ILE F 2 9.73 1.58 19.89
C ILE F 2 9.17 2.80 20.61
N VAL F 3 9.98 3.38 21.50
CA VAL F 3 9.59 4.60 22.20
C VAL F 3 9.91 5.81 21.34
N LEU F 4 8.91 6.65 21.11
CA LEU F 4 9.10 7.92 20.41
C LEU F 4 9.09 9.04 21.44
N SER F 5 10.18 9.80 21.49
CA SER F 5 10.35 10.86 22.46
C SER F 5 10.26 12.20 21.76
N GLN F 6 9.33 13.05 22.18
CA GLN F 6 9.10 14.34 21.58
C GLN F 6 9.63 15.45 22.48
N SER F 7 10.27 16.44 21.88
CA SER F 7 10.80 17.58 22.60
C SER F 7 10.51 18.86 21.83
N PRO F 8 10.10 19.92 22.51
CA PRO F 8 9.74 20.01 23.93
C PRO F 8 8.36 19.42 24.19
N ALA F 9 8.02 19.15 25.45
CA ALA F 9 6.66 18.71 25.76
C ALA F 9 5.66 19.85 25.60
N ILE F 10 6.06 21.07 25.92
CA ILE F 10 5.25 22.26 25.66
C ILE F 10 6.12 23.29 24.95
N LEU F 11 5.57 23.90 23.91
CA LEU F 11 6.27 24.86 23.07
C LEU F 11 5.41 26.10 22.98
N SER F 12 6.04 27.27 23.02
CA SER F 12 5.33 28.51 22.75
C SER F 12 6.14 29.41 21.83
N ALA F 13 5.42 30.13 20.98
CA ALA F 13 6.03 31.02 20.00
C ALA F 13 5.07 32.15 19.68
N SER F 14 5.63 33.33 19.43
CA SER F 14 4.80 34.44 19.02
C SER F 14 4.39 34.28 17.55
N PRO F 15 3.25 34.85 17.16
CA PRO F 15 2.82 34.75 15.76
C PRO F 15 3.87 35.22 14.77
N GLY F 16 4.18 34.37 13.80
CA GLY F 16 5.21 34.62 12.83
C GLY F 16 6.61 34.18 13.23
N GLU F 17 6.80 33.70 14.45
CA GLU F 17 8.05 33.08 14.83
C GLU F 17 8.20 31.72 14.15
N LYS F 18 9.43 31.23 14.10
CA LYS F 18 9.75 29.93 13.53
C LYS F 18 9.93 28.94 14.68
N VAL F 19 9.36 27.75 14.53
CA VAL F 19 9.49 26.70 15.53
C VAL F 19 9.94 25.41 14.87
N THR F 20 10.60 24.58 15.67
CA THR F 20 10.87 23.21 15.32
C THR F 20 10.57 22.34 16.53
N MET F 21 9.96 21.18 16.28
CA MET F 21 9.76 20.20 17.33
C MET F 21 10.30 18.86 16.83
N THR F 22 10.88 18.09 17.74
CA THR F 22 11.68 16.95 17.37
C THR F 22 11.06 15.66 17.91
N CYS F 23 11.26 14.59 17.17
CA CYS F 23 10.84 13.25 17.57
C CYS F 23 12.08 12.36 17.53
N ARG F 24 12.40 11.74 18.65
CA ARG F 24 13.57 10.88 18.75
C ARG F 24 13.11 9.47 19.05
N ALA F 25 13.47 8.53 18.18
CA ALA F 25 13.01 7.16 18.27
C ALA F 25 14.06 6.32 19.00
N SER F 26 13.59 5.46 19.90
CA SER F 26 14.46 4.48 20.54
C SER F 26 14.61 3.30 19.60
N SER F 27 15.73 3.30 18.85
CA SER F 27 15.95 2.60 17.59
C SER F 27 15.42 3.35 16.37
N SER F 28 16.14 3.21 15.26
CA SER F 28 15.87 3.91 14.02
C SER F 28 14.63 3.36 13.31
N VAL F 29 13.91 4.26 12.62
CA VAL F 29 12.65 3.94 11.98
C VAL F 29 12.66 4.50 10.56
N SER F 30 11.95 3.81 9.66
CA SER F 30 11.96 4.17 8.24
C SER F 30 11.37 5.55 7.99
N TYR F 31 10.25 5.85 8.64
CA TYR F 31 9.61 7.15 8.50
C TYR F 31 8.93 7.49 9.81
N ILE F 32 8.72 8.78 10.02
CA ILE F 32 7.85 9.27 11.07
C ILE F 32 6.67 9.97 10.43
N HIS F 33 5.49 9.77 11.02
CA HIS F 33 4.28 10.47 10.62
C HIS F 33 3.90 11.41 11.74
N TRP F 34 3.37 12.58 11.38
CA TRP F 34 2.91 13.54 12.36
C TRP F 34 1.40 13.72 12.27
N PHE F 35 0.77 13.79 13.43
CA PHE F 35 -0.66 14.03 13.54
C PHE F 35 -0.90 15.29 14.35
N GLN F 36 -1.87 16.09 13.93
CA GLN F 36 -2.31 17.25 14.69
C GLN F 36 -3.62 16.90 15.38
N GLN F 37 -3.71 17.17 16.68
CA GLN F 37 -4.95 17.05 17.41
C GLN F 37 -5.27 18.37 18.10
N LYS F 38 -6.50 18.84 17.91
CA LYS F 38 -7.06 19.94 18.66
C LYS F 38 -8.02 19.41 19.71
N CYS F 39 -8.33 20.24 20.70
CA CYS F 39 -9.17 19.80 21.81
C CYS F 39 -10.53 19.35 21.33
N GLY F 40 -10.89 18.12 21.69
CA GLY F 40 -12.15 17.52 21.31
C GLY F 40 -12.22 16.98 19.90
N SER F 41 -11.17 17.13 19.10
CA SER F 41 -11.09 16.50 17.80
C SER F 41 -10.38 15.14 17.92
N SER F 42 -10.65 14.27 16.95
CA SER F 42 -9.73 13.17 16.68
C SER F 42 -8.40 13.72 16.18
N PRO F 43 -7.35 12.89 16.19
CA PRO F 43 -6.13 13.27 15.47
C PRO F 43 -6.40 13.45 13.99
N LYS F 44 -5.78 14.46 13.42
CA LYS F 44 -5.76 14.63 11.96
C LYS F 44 -4.40 14.22 11.44
N PRO F 45 -4.31 13.42 10.38
CA PRO F 45 -3.04 13.26 9.69
C PRO F 45 -2.50 14.60 9.22
N TRP F 46 -1.22 14.83 9.46
CA TRP F 46 -0.62 16.13 9.19
C TRP F 46 0.60 16.02 8.27
N ILE F 47 1.50 15.11 8.61
CA ILE F 47 2.62 14.76 7.73
C ILE F 47 2.73 13.25 7.67
N TYR F 48 2.97 12.72 6.47
CA TYR F 48 3.22 11.31 6.29
C TYR F 48 4.55 11.12 5.57
N ALA F 49 5.12 9.93 5.75
CA ALA F 49 6.39 9.55 5.12
C ALA F 49 7.47 10.60 5.34
N THR F 50 7.60 11.02 6.59
CA THR F 50 8.57 11.99 7.11
C THR F 50 8.37 13.42 6.60
N SER F 51 7.95 13.58 5.34
CA SER F 51 8.04 14.91 4.73
C SER F 51 6.82 15.32 3.93
N ASN F 52 5.89 14.43 3.63
CA ASN F 52 4.75 14.74 2.77
C ASN F 52 3.62 15.34 3.60
N LEU F 53 3.20 16.54 3.24
CA LEU F 53 2.07 17.17 3.91
C LEU F 53 0.78 16.46 3.53
N ALA F 54 -0.09 16.27 4.52
CA ALA F 54 -1.41 15.71 4.26
C ALA F 54 -2.28 16.71 3.49
N SER F 55 -3.36 16.19 2.92
CA SER F 55 -4.27 16.99 2.11
C SER F 55 -4.80 18.18 2.91
N GLY F 56 -4.52 19.38 2.43
CA GLY F 56 -4.96 20.60 3.06
C GLY F 56 -4.06 21.13 4.16
N VAL F 57 -2.97 20.44 4.46
CA VAL F 57 -2.00 20.98 5.41
C VAL F 57 -1.25 22.14 4.77
N PRO F 58 -1.19 23.30 5.40
CA PRO F 58 -0.50 24.45 4.80
C PRO F 58 0.97 24.15 4.53
N VAL F 59 1.44 24.57 3.35
CA VAL F 59 2.85 24.44 2.98
C VAL F 59 3.70 25.27 3.95
N ARG F 60 3.03 25.99 4.85
CA ARG F 60 3.67 26.57 6.02
C ARG F 60 4.42 25.52 6.84
N PHE F 61 3.92 24.28 6.86
CA PHE F 61 4.56 23.19 7.58
C PHE F 61 5.56 22.47 6.68
N SER F 62 6.58 21.90 7.31
CA SER F 62 7.39 20.89 6.64
C SER F 62 7.92 19.91 7.67
N GLY F 63 8.33 18.74 7.17
CA GLY F 63 8.87 17.70 8.03
C GLY F 63 10.16 17.15 7.44
N SER F 64 11.05 16.75 8.34
CA SER F 64 12.38 16.31 7.92
C SER F 64 12.95 15.37 8.98
N GLY F 65 14.00 14.67 8.60
CA GLY F 65 14.75 13.82 9.51
C GLY F 65 15.10 12.49 8.89
N SER F 66 15.85 11.67 9.63
CA SER F 66 16.14 10.32 9.21
C SER F 66 16.63 9.52 10.41
N GLY F 67 16.60 8.20 10.28
CA GLY F 67 17.15 7.32 11.28
C GLY F 67 16.42 7.37 12.62
N THR F 68 17.05 7.97 13.62
CA THR F 68 16.45 8.09 14.94
C THR F 68 15.95 9.49 15.24
N SER F 69 16.26 10.48 14.41
CA SER F 69 16.00 11.88 14.73
C SER F 69 15.17 12.50 13.63
N TYR F 70 13.99 12.99 13.99
CA TYR F 70 13.04 13.59 13.06
C TYR F 70 12.59 14.93 13.63
N SER F 71 12.14 15.81 12.75
CA SER F 71 11.56 17.05 13.24
C SER F 71 10.43 17.51 12.34
N LEU F 72 9.49 18.23 12.93
CA LEU F 72 8.51 19.04 12.22
C LEU F 72 8.79 20.50 12.52
N THR F 73 8.79 21.33 11.48
CA THR F 73 9.10 22.75 11.63
C THR F 73 8.06 23.59 10.90
N ILE F 74 7.72 24.73 11.50
CA ILE F 74 6.75 25.66 10.94
C ILE F 74 7.47 26.97 10.68
N SER F 75 7.57 27.36 9.40
CA SER F 75 8.24 28.59 9.02
C SER F 75 7.75 29.77 9.86
N ARG F 76 6.46 30.07 9.78
CA ARG F 76 5.86 31.18 10.51
C ARG F 76 4.58 30.68 11.15
N VAL F 77 4.53 30.68 12.48
CA VAL F 77 3.37 30.09 13.16
C VAL F 77 2.17 31.03 13.05
N GLU F 78 0.98 30.43 13.12
CA GLU F 78 -0.28 31.16 13.13
C GLU F 78 -1.19 30.60 14.21
N CYS F 79 -2.25 31.34 14.53
CA CYS F 79 -3.14 30.93 15.61
C CYS F 79 -3.85 29.62 15.31
N GLU F 80 -4.05 29.29 14.04
CA GLU F 80 -4.62 27.99 13.71
C GLU F 80 -3.65 26.84 13.98
N ASP F 81 -2.37 27.12 14.19
CA ASP F 81 -1.39 26.08 14.45
C ASP F 81 -1.38 25.60 15.90
N ALA F 82 -2.03 26.32 16.81
CA ALA F 82 -2.07 25.94 18.22
C ALA F 82 -2.76 24.60 18.43
N ALA F 83 -1.99 23.56 18.75
CA ALA F 83 -2.48 22.19 18.80
C ALA F 83 -1.42 21.33 19.47
N THR F 84 -1.74 20.06 19.67
CA THR F 84 -0.77 19.05 20.05
C THR F 84 -0.40 18.21 18.84
N TYR F 85 0.91 18.04 18.60
CA TYR F 85 1.43 17.28 17.47
C TYR F 85 2.06 16.00 17.97
N TYR F 86 1.60 14.86 17.45
CA TYR F 86 2.13 13.54 17.79
C TYR F 86 2.90 12.98 16.60
N CYS F 87 4.14 12.56 16.84
CA CYS F 87 4.82 11.71 15.89
C CYS F 87 4.38 10.26 16.07
N GLN F 88 4.53 9.48 14.99
CA GLN F 88 4.05 8.11 14.96
C GLN F 88 4.92 7.29 14.01
N GLN F 89 5.16 6.03 14.38
CA GLN F 89 6.03 5.15 13.60
C GLN F 89 5.31 3.84 13.29
N TRP F 90 5.52 3.34 12.09
CA TRP F 90 5.06 2.04 11.64
C TRP F 90 6.16 0.98 11.57
N THR F 91 7.41 1.37 11.83
CA THR F 91 8.54 0.49 11.55
C THR F 91 8.56 -0.77 12.43
N SER F 92 7.85 -0.77 13.56
CA SER F 92 7.73 -1.98 14.36
C SER F 92 6.29 -2.19 14.80
N ASN F 93 5.91 -3.46 14.92
CA ASN F 93 4.69 -3.83 15.62
C ASN F 93 4.96 -3.78 17.12
N PRO F 94 4.08 -3.17 17.92
CA PRO F 94 2.97 -2.29 17.57
C PRO F 94 3.46 -0.94 17.07
N PRO F 95 2.71 -0.27 16.20
CA PRO F 95 2.93 1.16 15.98
C PRO F 95 2.74 1.94 17.27
N THR F 96 3.48 3.04 17.38
CA THR F 96 3.53 3.80 18.61
C THR F 96 3.51 5.28 18.29
N PHE F 97 3.05 6.07 19.26
CA PHE F 97 2.97 7.51 19.15
C PHE F 97 3.91 8.17 20.15
N GLY F 98 4.40 9.34 19.81
CA GLY F 98 5.13 10.17 20.76
C GLY F 98 4.20 10.78 21.79
N GLY F 99 4.81 11.33 22.84
CA GLY F 99 4.04 11.97 23.90
C GLY F 99 3.31 13.23 23.49
N GLY F 100 3.55 13.73 22.29
CA GLY F 100 2.95 14.99 21.85
C GLY F 100 3.79 16.20 22.22
N THR F 101 3.74 17.20 21.36
CA THR F 101 4.22 18.55 21.67
C THR F 101 3.04 19.50 21.60
N LYS F 102 2.73 20.15 22.72
CA LYS F 102 1.67 21.15 22.77
C LYS F 102 2.26 22.51 22.36
N LEU F 103 1.80 23.04 21.24
CA LEU F 103 2.15 24.37 20.78
C LEU F 103 1.05 25.34 21.17
N GLU F 104 1.40 26.36 21.95
CA GLU F 104 0.51 27.49 22.21
C GLU F 104 1.20 28.80 21.89
N ILE F 105 0.42 29.76 21.42
CA ILE F 105 0.93 30.91 20.66
C ILE F 105 0.91 32.14 21.55
N LYS F 106 2.05 32.81 21.67
CA LYS F 106 2.16 34.05 22.44
C LYS F 106 1.53 35.24 21.73
N ARG F 107 0.21 35.25 21.56
CA ARG F 107 -0.44 36.43 20.99
C ARG F 107 -0.33 37.62 21.94
N THR F 108 -0.68 38.80 21.42
CA THR F 108 -0.75 40.00 22.25
C THR F 108 -1.83 39.88 23.32
N VAL F 109 -1.57 40.54 24.46
CA VAL F 109 -2.52 40.58 25.57
C VAL F 109 -3.89 41.05 25.10
N ALA F 110 -4.94 40.43 25.66
CA ALA F 110 -6.31 40.85 25.45
C ALA F 110 -7.05 40.82 26.78
N ALA F 111 -7.79 41.89 27.09
CA ALA F 111 -8.55 41.94 28.33
C ALA F 111 -9.83 41.10 28.23
N PRO F 112 -10.23 40.46 29.33
CA PRO F 112 -11.48 39.68 29.32
C PRO F 112 -12.71 40.58 29.25
N SER F 113 -13.62 40.24 28.34
CA SER F 113 -15.00 40.71 28.43
C SER F 113 -15.70 39.95 29.56
N VAL F 114 -16.00 40.64 30.65
CA VAL F 114 -16.55 40.01 31.84
C VAL F 114 -18.07 40.12 31.83
N PHE F 115 -18.74 38.99 32.09
CA PHE F 115 -20.19 38.89 32.15
C PHE F 115 -20.56 38.11 33.40
N ILE F 116 -21.70 38.46 33.99
CA ILE F 116 -22.23 37.75 35.16
C ILE F 116 -23.67 37.37 34.91
N PHE F 117 -24.03 36.15 35.30
CA PHE F 117 -25.36 35.60 35.10
C PHE F 117 -25.99 35.26 36.45
N PRO F 118 -27.16 35.76 36.76
CA PRO F 118 -27.88 35.32 37.96
C PRO F 118 -28.30 33.86 37.85
N PRO F 119 -28.54 33.20 38.97
CA PRO F 119 -29.29 31.93 38.94
C PRO F 119 -30.66 32.11 38.32
N SER F 120 -31.02 31.19 37.42
CA SER F 120 -32.34 31.21 36.83
C SER F 120 -33.39 30.73 37.82
N ASP F 121 -34.64 31.17 37.59
CA ASP F 121 -35.76 30.70 38.40
C ASP F 121 -35.96 29.19 38.28
N GLU F 122 -35.77 28.64 37.09
CA GLU F 122 -35.79 27.19 36.90
C GLU F 122 -34.93 26.46 37.92
N GLN F 123 -33.74 26.97 38.19
CA GLN F 123 -32.84 26.32 39.14
C GLN F 123 -33.27 26.54 40.59
N LEU F 124 -33.72 27.75 40.91
CA LEU F 124 -34.22 28.01 42.27
C LEU F 124 -35.41 27.14 42.61
N LYS F 125 -36.26 26.82 41.65
CA LYS F 125 -37.30 25.83 41.87
C LYS F 125 -36.75 24.46 42.24
N SER F 126 -35.48 24.18 41.92
CA SER F 126 -34.82 22.96 42.38
C SER F 126 -34.09 23.14 43.70
N GLY F 127 -34.13 24.32 44.30
CA GLY F 127 -33.47 24.56 45.57
C GLY F 127 -31.99 24.87 45.49
N THR F 128 -31.42 24.95 44.29
CA THR F 128 -30.01 25.24 44.12
C THR F 128 -29.85 26.52 43.30
N ALA F 129 -28.80 27.29 43.60
CA ALA F 129 -28.48 28.50 42.87
C ALA F 129 -27.04 28.43 42.40
N SER F 130 -26.82 28.55 41.10
CA SER F 130 -25.49 28.66 40.52
C SER F 130 -25.34 30.02 39.85
N VAL F 131 -24.32 30.77 40.26
CA VAL F 131 -24.02 32.07 39.68
C VAL F 131 -22.80 31.91 38.79
N VAL F 132 -22.90 32.33 37.54
CA VAL F 132 -21.85 32.14 36.55
C VAL F 132 -21.23 33.49 36.21
N CYS F 133 -19.91 33.55 36.30
CA CYS F 133 -19.12 34.70 35.85
C CYS F 133 -18.33 34.26 34.63
N LEU F 134 -18.44 35.00 33.53
CA LEU F 134 -17.81 34.65 32.27
C LEU F 134 -16.74 35.67 31.90
N LEU F 135 -15.54 35.18 31.61
CA LEU F 135 -14.45 35.97 31.05
C LEU F 135 -14.27 35.56 29.60
N ASN F 136 -14.56 36.47 28.68
CA ASN F 136 -14.53 36.15 27.26
C ASN F 136 -13.29 36.71 26.58
N ASN F 137 -12.66 35.86 25.75
CA ASN F 137 -11.60 36.25 24.82
C ASN F 137 -10.51 37.10 25.50
N PHE F 138 -9.80 36.45 26.41
CA PHE F 138 -8.66 37.08 27.08
C PHE F 138 -7.39 36.29 26.82
N TYR F 139 -6.26 36.98 26.96
CA TYR F 139 -4.93 36.38 26.91
C TYR F 139 -4.01 37.26 27.74
N PRO F 140 -3.07 36.66 28.50
CA PRO F 140 -2.78 35.23 28.69
C PRO F 140 -3.75 34.50 29.61
N ARG F 141 -3.43 33.24 29.89
CA ARG F 141 -4.33 32.35 30.62
C ARG F 141 -4.48 32.74 32.08
N GLU F 142 -3.53 33.50 32.62
CA GLU F 142 -3.48 33.78 34.06
C GLU F 142 -4.46 34.88 34.46
N ALA F 143 -5.73 34.62 34.22
CA ALA F 143 -6.79 35.39 34.88
C ALA F 143 -7.05 34.86 36.28
N LYS F 144 -7.61 35.72 37.12
CA LYS F 144 -8.09 35.33 38.44
C LYS F 144 -9.48 35.91 38.66
N VAL F 145 -10.40 35.09 39.15
CA VAL F 145 -11.76 35.50 39.46
C VAL F 145 -11.94 35.42 40.96
N GLN F 146 -12.30 36.54 41.57
CA GLN F 146 -12.62 36.60 43.00
C GLN F 146 -14.11 36.88 43.16
N TRP F 147 -14.82 35.97 43.80
CA TRP F 147 -16.23 36.16 44.07
C TRP F 147 -16.43 36.98 45.33
N LYS F 148 -17.44 37.85 45.30
CA LYS F 148 -17.81 38.65 46.46
C LYS F 148 -19.33 38.64 46.60
N VAL F 149 -19.79 38.60 47.85
CA VAL F 149 -21.21 38.47 48.16
C VAL F 149 -21.52 39.39 49.33
N ASP F 150 -22.33 40.43 49.09
CA ASP F 150 -22.45 41.56 50.01
C ASP F 150 -21.08 42.10 50.43
N ASN F 151 -20.10 42.00 49.54
CA ASN F 151 -18.69 42.32 49.76
C ASN F 151 -17.97 41.36 50.70
N ALA F 152 -18.66 40.37 51.27
CA ALA F 152 -17.96 39.27 51.89
C ALA F 152 -17.22 38.46 50.83
N LEU F 153 -16.11 37.86 51.24
CA LEU F 153 -15.19 37.22 50.31
C LEU F 153 -15.44 35.72 50.28
N GLN F 154 -15.81 35.21 49.11
CA GLN F 154 -16.07 33.78 48.96
C GLN F 154 -14.79 33.01 48.74
N SER F 155 -14.77 31.77 49.20
CA SER F 155 -13.68 30.85 48.86
C SER F 155 -14.19 29.42 48.90
N GLY F 156 -13.52 28.55 48.14
CA GLY F 156 -13.82 27.14 48.12
C GLY F 156 -15.07 26.72 47.37
N ASN F 157 -16.14 27.51 47.47
CA ASN F 157 -17.44 27.16 46.89
C ASN F 157 -17.62 27.64 45.46
N SER F 158 -16.54 27.75 44.68
CA SER F 158 -16.62 28.07 43.26
C SER F 158 -15.61 27.24 42.50
N GLN F 159 -15.90 27.04 41.20
CA GLN F 159 -15.01 26.29 40.32
C GLN F 159 -14.80 27.04 39.00
N GLU F 160 -13.56 27.08 38.56
CA GLU F 160 -13.20 27.64 37.26
C GLU F 160 -13.19 26.55 36.20
N SER F 161 -13.59 26.92 34.99
CA SER F 161 -13.33 26.11 33.81
C SER F 161 -12.98 27.02 32.64
N VAL F 162 -12.00 26.59 31.85
CA VAL F 162 -11.38 27.46 30.85
C VAL F 162 -11.21 26.68 29.55
N THR F 163 -11.52 27.34 28.43
CA THR F 163 -11.42 26.69 27.13
C THR F 163 -9.96 26.43 26.77
N CYS F 164 -9.76 25.62 25.73
CA CYS F 164 -8.50 25.65 25.00
C CYS F 164 -8.35 26.95 24.22
N GLN F 165 -7.14 27.17 23.73
CA GLN F 165 -6.82 28.36 22.96
C GLN F 165 -7.58 28.38 21.65
N ASP F 166 -8.31 29.47 21.40
CA ASP F 166 -9.16 29.58 20.22
C ASP F 166 -8.29 29.60 18.97
N SER F 167 -8.51 28.64 18.06
CA SER F 167 -7.71 28.53 16.86
C SER F 167 -7.90 29.70 15.90
N LYS F 168 -8.95 30.50 16.06
CA LYS F 168 -9.14 31.68 15.24
C LYS F 168 -8.40 32.90 15.78
N ASP F 169 -8.11 32.93 17.08
CA ASP F 169 -7.88 34.17 17.80
C ASP F 169 -6.79 34.06 18.86
N CYS F 170 -6.36 32.85 19.20
CA CYS F 170 -5.38 32.56 20.25
C CYS F 170 -5.81 33.02 21.65
N THR F 171 -7.07 33.40 21.84
CA THR F 171 -7.49 33.78 23.18
C THR F 171 -8.09 32.59 23.93
N TYR F 172 -8.39 32.81 25.21
CA TYR F 172 -9.12 31.87 26.04
C TYR F 172 -10.42 32.49 26.53
N SER F 173 -11.37 31.63 26.87
CA SER F 173 -12.50 32.03 27.70
C SER F 173 -12.50 31.21 28.98
N LEU F 174 -13.03 31.80 30.05
CA LEU F 174 -13.11 31.13 31.34
C LEU F 174 -14.48 31.41 31.93
N SER F 175 -15.09 30.39 32.53
CA SER F 175 -16.26 30.56 33.37
C SER F 175 -15.95 30.17 34.81
N SER F 176 -16.40 31.01 35.74
CA SER F 176 -16.41 30.68 37.17
C SER F 176 -17.86 30.51 37.60
N THR F 177 -18.15 29.41 38.29
CA THR F 177 -19.50 29.14 38.78
C THR F 177 -19.50 29.12 40.30
N LEU F 178 -20.16 30.10 40.90
CA LEU F 178 -20.44 30.08 42.32
C LEU F 178 -21.69 29.24 42.57
N THR F 179 -21.64 28.35 43.56
CA THR F 179 -22.78 27.51 43.87
C THR F 179 -23.20 27.71 45.32
N LEU F 180 -24.51 27.76 45.54
CA LEU F 180 -25.10 28.13 46.81
C LEU F 180 -26.37 27.31 47.00
N SER F 181 -26.77 27.12 48.25
CA SER F 181 -28.14 26.70 48.49
C SER F 181 -29.10 27.84 48.17
N LYS F 182 -30.35 27.47 47.89
CA LYS F 182 -31.41 28.47 47.76
C LYS F 182 -31.56 29.31 49.01
N ALA F 183 -31.39 28.71 50.19
CA ALA F 183 -31.47 29.46 51.43
C ALA F 183 -30.28 30.40 51.62
N ASP F 184 -29.10 30.05 51.09
CA ASP F 184 -27.98 30.98 51.09
C ASP F 184 -28.18 32.08 50.06
N TYR F 185 -28.55 31.71 48.84
CA TYR F 185 -28.76 32.69 47.79
C TYR F 185 -29.79 33.75 48.18
N GLU F 186 -30.83 33.36 48.92
CA GLU F 186 -31.89 34.28 49.28
C GLU F 186 -31.63 35.05 50.58
N LYS F 187 -30.53 34.79 51.27
CA LYS F 187 -30.10 35.72 52.31
C LYS F 187 -29.49 36.98 51.70
N HIS F 188 -28.33 36.84 51.08
CA HIS F 188 -27.59 37.99 50.58
C HIS F 188 -28.27 38.58 49.35
N LYS F 189 -27.92 39.84 49.06
CA LYS F 189 -28.52 40.57 47.94
C LYS F 189 -27.55 40.87 46.81
N VAL F 190 -26.32 41.28 47.11
CA VAL F 190 -25.40 41.79 46.09
C VAL F 190 -24.36 40.71 45.79
N TYR F 191 -24.40 40.19 44.58
CA TYR F 191 -23.45 39.17 44.12
C TYR F 191 -22.55 39.77 43.05
N ALA F 192 -21.25 39.58 43.22
CA ALA F 192 -20.27 40.14 42.30
C ALA F 192 -19.12 39.16 42.09
N CYS F 193 -18.60 39.14 40.86
CA CYS F 193 -17.27 38.59 40.59
C CYS F 193 -16.32 39.72 40.21
N GLU F 194 -15.12 39.69 40.78
CA GLU F 194 -14.07 40.66 40.51
C GLU F 194 -12.92 39.99 39.80
N VAL F 195 -12.50 40.55 38.67
CA VAL F 195 -11.56 39.92 37.76
C VAL F 195 -10.29 40.76 37.72
N THR F 196 -9.15 40.14 38.04
CA THR F 196 -7.84 40.72 37.82
C THR F 196 -7.19 40.04 36.62
N HIS F 197 -6.73 40.83 35.66
CA HIS F 197 -6.02 40.29 34.51
C HIS F 197 -5.09 41.35 33.96
N GLN F 198 -4.05 40.90 33.26
CA GLN F 198 -3.03 41.81 32.75
C GLN F 198 -3.61 42.84 31.77
N GLY F 199 -4.67 42.48 31.07
CA GLY F 199 -5.32 43.42 30.17
C GLY F 199 -6.14 44.48 30.85
N LEU F 200 -6.25 44.44 32.18
CA LEU F 200 -7.07 45.37 32.95
C LEU F 200 -6.15 46.24 33.79
N SER F 201 -6.26 47.56 33.61
CA SER F 201 -5.44 48.48 34.39
C SER F 201 -5.86 48.51 35.86
N SER F 202 -7.07 48.09 36.17
CA SER F 202 -7.48 47.85 37.55
C SER F 202 -8.51 46.73 37.55
N PRO F 203 -8.69 46.04 38.67
CA PRO F 203 -9.62 44.90 38.69
C PRO F 203 -11.04 45.35 38.37
N VAL F 204 -11.59 44.80 37.29
CA VAL F 204 -12.98 45.05 36.93
C VAL F 204 -13.88 44.15 37.77
N THR F 205 -15.05 44.66 38.13
CA THR F 205 -16.07 43.87 38.81
C THR F 205 -17.38 44.01 38.07
N LYS F 206 -18.12 42.90 37.99
CA LYS F 206 -19.47 42.88 37.45
C LYS F 206 -20.39 42.27 38.50
N SER F 207 -21.56 42.87 38.68
CA SER F 207 -22.42 42.51 39.79
C SER F 207 -23.88 42.59 39.36
N PHE F 208 -24.74 42.04 40.21
CA PHE F 208 -26.18 42.25 40.09
C PHE F 208 -26.79 42.26 41.49
N ASN F 209 -27.89 42.97 41.63
CA ASN F 209 -28.77 42.79 42.78
C ASN F 209 -29.71 41.62 42.55
N ARG F 210 -29.90 40.81 43.58
CA ARG F 210 -30.92 39.77 43.55
C ARG F 210 -32.31 40.38 43.57
N GLY F 211 -33.12 40.04 42.56
CA GLY F 211 -34.48 40.53 42.47
C GLY F 211 -34.76 41.37 41.23
N GLU F 212 -33.86 42.28 40.91
CA GLU F 212 -34.00 43.07 39.70
C GLU F 212 -33.74 42.22 38.46
N CYS F 213 -34.37 42.61 37.35
CA CYS F 213 -34.48 41.75 36.18
C CYS F 213 -33.14 41.49 35.53
#